data_3MAA
#
_entry.id   3MAA
#
_cell.length_a   118.744
_cell.length_b   133.722
_cell.length_c   70.992
_cell.angle_alpha   90.00
_cell.angle_beta   90.00
_cell.angle_gamma   90.00
#
_symmetry.space_group_name_H-M   'P 21 21 2'
#
loop_
_entity.id
_entity.type
_entity.pdbx_description
1 polymer 'Adenylate cyclase type 5'
2 polymer 'Adenylate cyclase type 2'
3 polymer 'Guanine nucleotide-binding protein G(s) subunit alpha isoforms short'
4 non-polymer METHYLPIPERAZINOFORSKOLIN
5 non-polymer 'CALCIUM ION'
6 non-polymer "ADENOSINE-5'-RP-ALPHA-THIO-TRIPHOSPHATE"
7 non-polymer 'MAGNESIUM ION'
8 non-polymer "5'-GUANOSINE-DIPHOSPHATE-MONOTHIOPHOSPHATE"
9 non-polymer 'CHLORIDE ION'
10 water water
#
loop_
_entity_poly.entity_id
_entity_poly.type
_entity_poly.pdbx_seq_one_letter_code
_entity_poly.pdbx_strand_id
1 'polypeptide(L)'
;MHHHHHHAMEMKADINAKQEDMMFHKIYIQKHDNVSILFADIEGFTSLASQCTAQELVMTLNELFARFDKLAAENHCLRI
KILGDCYYCVSGLPEARADHAHCCVEMGMDMIEAISLVREMTGVNVNMRVGIHSGRVHCGVLGLRKWQFDVWSNDVTLAN
HMEAGGKAGRIHITKATLSYLNGDYEVEPGCGGERNAYLKEHSIETFLILRCTQKRKEEKAMIAK
;
A
2 'polypeptide(L)'
;RSLKNEELYHQSYDCVCVMFASIPDFKEFYTESDVNKEGLECLRLLNEIIADFDDLLSKPKFSGVEKIKTIGSTYMAATG
LSAIPSQEHAQEPERQYMHIGTMVEFAYALVGKLDAINKHSFNDFKLRVGINHGPVIAGVIGAQKPQYDIWGNTVNVASR
MDSTGVLDKIQVTEETSLILQTLGYTCTCRGIINVKGKGDLKTYFVNTEMSR
;
B
3 'polypeptide(L)'
;MGCLGNSKTEDQRNEEKAQREANKKIEKQLQKDKQVYRATHRLLLLGAGESGKSTIVKQMRILHVNGFNGEGGEEDPQAA
RSNSDGEKATKVQDIKNNLKEAIETIVAAMSNLVPPVELANPENQFRVDYILSVMNVPDFDFPPEFYEHAKALWEDEGVR
ACYERSNEYQLIDCAQYFLDKIDVIKQDDYVPSDQDLLRCRVLTSGIFETKFQVDKVNFHMFDVGGQRDERRKWIQCFND
VTAIIFVVASSSYNMVIREDNQTNRLQEALNLFKSIWNNRWLRTISVILFLNKQDLLAEKVLAGKSKIEDYFPEFARYTT
PEDATPEPGEDPRVTRAKYFIRDEFLRISTASGDGRHYCYPHFTCAVDTENIRRVFNDCRDIIQRMHLRQYELL
;
C
#
loop_
_chem_comp.id
_chem_comp.type
_chem_comp.name
_chem_comp.formula
CA non-polymer 'CALCIUM ION' 'Ca 2'
CL non-polymer 'CHLORIDE ION' 'Cl -1'
FKP non-polymer METHYLPIPERAZINOFORSKOLIN 'C30 H50 N2 O7'
GSP non-polymer 5'-GUANOSINE-DIPHOSPHATE-MONOTHIOPHOSPHATE 'C10 H16 N5 O13 P3 S'
MG non-polymer 'MAGNESIUM ION' 'Mg 2'
TAT non-polymer ADENOSINE-5'-RP-ALPHA-THIO-TRIPHOSPHATE 'C10 H16 N5 O12 P3 S'
#
# COMPACT_ATOMS: atom_id res chain seq x y z
N ASP A 21 17.11 -12.14 0.15
CA ASP A 21 18.14 -13.21 0.30
C ASP A 21 18.77 -13.23 1.68
N MET A 22 18.87 -12.07 2.32
CA MET A 22 19.23 -12.04 3.74
C MET A 22 18.19 -11.24 4.55
N MET A 23 17.35 -10.44 3.86
CA MET A 23 16.30 -9.69 4.57
C MET A 23 14.88 -9.75 3.99
N PHE A 24 14.77 -9.82 2.68
CA PHE A 24 13.51 -10.23 2.04
C PHE A 24 13.71 -11.68 1.68
N HIS A 25 12.66 -12.48 1.74
CA HIS A 25 12.70 -13.81 1.13
C HIS A 25 12.93 -13.66 -0.38
N LYS A 26 13.73 -14.57 -0.94
CA LYS A 26 13.92 -14.67 -2.39
C LYS A 26 12.58 -14.73 -3.15
N ILE A 27 12.54 -14.04 -4.28
CA ILE A 27 11.30 -13.79 -5.01
C ILE A 27 11.23 -14.58 -6.32
N TYR A 28 10.41 -15.60 -6.37
CA TYR A 28 10.39 -16.36 -7.61
C TYR A 28 9.35 -15.79 -8.58
N ILE A 29 9.55 -14.54 -9.02
CA ILE A 29 8.68 -13.90 -10.02
C ILE A 29 9.43 -13.15 -11.13
N GLN A 30 8.90 -13.26 -12.36
CA GLN A 30 9.49 -12.59 -13.53
C GLN A 30 8.48 -11.78 -14.34
N LYS A 31 8.80 -10.52 -14.64
CA LYS A 31 7.92 -9.69 -15.48
C LYS A 31 7.86 -10.32 -16.87
N HIS A 32 6.69 -10.24 -17.50
CA HIS A 32 6.52 -10.75 -18.84
C HIS A 32 5.60 -9.85 -19.68
N ASP A 33 5.89 -9.74 -20.97
CA ASP A 33 5.15 -8.81 -21.83
C ASP A 33 4.55 -9.40 -23.08
N ASN A 34 3.40 -8.85 -23.48
CA ASN A 34 2.68 -9.30 -24.67
C ASN A 34 2.16 -10.72 -24.50
N VAL A 35 1.42 -10.92 -23.42
CA VAL A 35 0.84 -12.22 -23.13
C VAL A 35 -0.69 -12.09 -23.11
N SER A 36 -1.37 -13.08 -23.67
CA SER A 36 -2.81 -13.07 -23.67
C SER A 36 -3.25 -13.89 -22.51
N ILE A 37 -4.24 -13.38 -21.79
CA ILE A 37 -4.78 -14.03 -20.59
C ILE A 37 -6.22 -14.46 -20.83
N LEU A 38 -6.56 -15.66 -20.39
CA LEU A 38 -7.93 -16.16 -20.51
C LEU A 38 -8.51 -16.54 -19.15
N PHE A 39 -9.79 -16.26 -19.00
CA PHE A 39 -10.63 -16.78 -17.94
C PHE A 39 -11.90 -17.36 -18.57
N ALA A 40 -12.43 -18.38 -17.94
CA ALA A 40 -13.65 -19.03 -18.39
C ALA A 40 -14.42 -19.64 -17.23
N ASP A 41 -15.75 -19.53 -17.30
CA ASP A 41 -16.61 -20.05 -16.25
C ASP A 41 -17.77 -20.93 -16.77
N ILE A 42 -18.39 -21.67 -15.85
CA ILE A 42 -19.50 -22.54 -16.18
C ILE A 42 -20.85 -21.96 -15.80
N GLU A 43 -21.56 -21.52 -16.84
CA GLU A 43 -22.91 -20.98 -16.71
C GLU A 43 -23.82 -22.05 -16.10
N GLY A 44 -24.65 -21.64 -15.15
CA GLY A 44 -25.61 -22.54 -14.51
C GLY A 44 -25.00 -23.83 -13.97
N PHE A 45 -23.84 -23.71 -13.32
CA PHE A 45 -23.16 -24.85 -12.71
C PHE A 45 -23.92 -25.49 -11.56
N THR A 46 -24.48 -24.66 -10.69
CA THR A 46 -25.17 -25.13 -9.49
C THR A 46 -26.41 -25.99 -9.78
N SER A 47 -26.86 -25.96 -11.04
CA SER A 47 -27.94 -26.82 -11.52
C SER A 47 -27.46 -28.27 -11.59
N LEU A 48 -26.23 -28.42 -12.08
CA LEU A 48 -25.53 -29.68 -12.05
C LEU A 48 -25.22 -30.06 -10.59
N ALA A 49 -24.66 -29.11 -9.83
CA ALA A 49 -24.26 -29.33 -8.43
C ALA A 49 -25.35 -29.96 -7.55
N SER A 50 -26.58 -29.45 -7.66
CA SER A 50 -27.72 -29.99 -6.93
C SER A 50 -28.14 -31.37 -7.44
N GLN A 51 -27.79 -31.66 -8.69
CA GLN A 51 -28.20 -32.88 -9.39
C GLN A 51 -27.51 -34.16 -8.94
N CYS A 52 -26.19 -34.11 -8.81
CA CYS A 52 -25.36 -35.29 -8.67
C CYS A 52 -24.68 -35.35 -7.29
N THR A 53 -24.52 -36.57 -6.76
CA THR A 53 -23.80 -36.78 -5.49
C THR A 53 -22.37 -36.29 -5.59
N ALA A 54 -21.92 -35.58 -4.54
CA ALA A 54 -20.60 -34.96 -4.49
C ALA A 54 -19.51 -35.71 -5.28
N GLN A 55 -19.69 -37.04 -5.40
CA GLN A 55 -18.73 -37.93 -6.05
C GLN A 55 -18.82 -37.88 -7.58
N GLU A 56 -19.93 -38.38 -8.13
CA GLU A 56 -20.20 -38.47 -9.57
C GLU A 56 -20.24 -37.11 -10.27
N LEU A 57 -20.28 -36.07 -9.45
CA LEU A 57 -20.10 -34.69 -9.91
C LEU A 57 -18.63 -34.51 -10.25
N VAL A 58 -17.81 -34.49 -9.20
CA VAL A 58 -16.33 -34.39 -9.26
C VAL A 58 -15.73 -34.98 -10.53
N MET A 59 -16.27 -36.11 -10.94
CA MET A 59 -15.85 -36.85 -12.12
C MET A 59 -16.05 -36.10 -13.44
N THR A 60 -17.29 -35.69 -13.68
CA THR A 60 -17.65 -34.91 -14.86
C THR A 60 -16.81 -33.64 -14.96
N LEU A 61 -16.60 -33.00 -13.80
CA LEU A 61 -15.71 -31.84 -13.66
C LEU A 61 -14.22 -32.17 -13.95
N ASN A 62 -13.63 -33.08 -13.15
CA ASN A 62 -12.27 -33.56 -13.39
C ASN A 62 -12.12 -34.07 -14.82
N GLU A 63 -13.23 -34.55 -15.40
CA GLU A 63 -13.32 -34.93 -16.82
C GLU A 63 -12.96 -33.77 -17.74
N LEU A 64 -13.95 -32.90 -17.94
CA LEU A 64 -13.82 -31.75 -18.81
C LEU A 64 -12.53 -31.00 -18.57
N PHE A 65 -12.24 -30.70 -17.31
CA PHE A 65 -11.05 -29.94 -16.97
C PHE A 65 -9.74 -30.53 -17.48
N ALA A 66 -9.55 -31.83 -17.32
CA ALA A 66 -8.35 -32.46 -17.84
C ALA A 66 -8.35 -32.39 -19.37
N ARG A 67 -9.55 -32.33 -19.95
CA ARG A 67 -9.68 -32.14 -21.39
C ARG A 67 -9.31 -30.70 -21.75
N PHE A 68 -9.86 -29.74 -21.02
CA PHE A 68 -9.39 -28.36 -21.11
C PHE A 68 -7.87 -28.28 -20.94
N ASP A 69 -7.36 -28.86 -19.83
CA ASP A 69 -5.92 -28.90 -19.54
C ASP A 69 -5.15 -29.41 -20.75
N LYS A 70 -5.85 -30.20 -21.58
CA LYS A 70 -5.26 -30.89 -22.75
C LYS A 70 -5.25 -30.03 -24.00
N LEU A 71 -6.39 -29.45 -24.33
CA LEU A 71 -6.50 -28.56 -25.47
C LEU A 71 -5.49 -27.44 -25.30
N ALA A 72 -5.41 -26.94 -24.06
CA ALA A 72 -4.37 -26.03 -23.64
C ALA A 72 -3.08 -26.27 -24.40
N ALA A 73 -2.56 -27.50 -24.25
CA ALA A 73 -1.29 -27.96 -24.84
C ALA A 73 -1.32 -27.90 -26.35
N GLU A 74 -2.44 -28.36 -26.92
CA GLU A 74 -2.69 -28.22 -28.34
C GLU A 74 -2.59 -26.74 -28.71
N ASN A 75 -3.41 -25.91 -28.05
CA ASN A 75 -3.54 -24.47 -28.32
C ASN A 75 -2.38 -23.60 -27.79
N HIS A 76 -1.40 -24.19 -27.13
CA HIS A 76 -0.22 -23.43 -26.66
C HIS A 76 -0.48 -22.55 -25.44
N CYS A 77 -1.29 -23.03 -24.52
CA CYS A 77 -1.57 -22.29 -23.31
C CYS A 77 -1.12 -23.06 -22.09
N LEU A 78 -0.21 -22.46 -21.33
CA LEU A 78 0.11 -22.91 -19.98
C LEU A 78 -1.14 -22.64 -19.14
N ARG A 79 -1.71 -23.69 -18.56
CA ARG A 79 -2.85 -23.52 -17.66
C ARG A 79 -2.36 -22.94 -16.35
N ILE A 80 -3.20 -22.15 -15.70
CA ILE A 80 -2.81 -21.59 -14.42
C ILE A 80 -3.38 -22.44 -13.29
N LYS A 81 -4.66 -22.27 -12.98
CA LYS A 81 -5.28 -22.94 -11.82
C LYS A 81 -6.77 -23.27 -12.06
N ILE A 82 -7.32 -24.15 -11.23
CA ILE A 82 -8.75 -24.35 -11.19
C ILE A 82 -9.20 -23.84 -9.85
N LEU A 83 -10.23 -23.00 -9.88
CA LEU A 83 -10.79 -22.43 -8.66
C LEU A 83 -12.27 -22.74 -8.56
N GLY A 84 -12.58 -23.99 -8.23
CA GLY A 84 -13.95 -24.47 -8.21
C GLY A 84 -14.45 -24.59 -9.63
N ASP A 85 -15.51 -23.85 -9.96
CA ASP A 85 -16.06 -23.93 -11.30
C ASP A 85 -15.39 -22.94 -12.26
N CYS A 86 -14.23 -22.41 -11.86
CA CYS A 86 -13.49 -21.47 -12.69
C CYS A 86 -12.12 -21.93 -13.11
N TYR A 87 -11.90 -21.84 -14.41
CA TYR A 87 -10.69 -22.24 -15.06
C TYR A 87 -9.97 -21.01 -15.63
N TYR A 88 -8.64 -21.07 -15.72
CA TYR A 88 -7.89 -20.04 -16.43
C TYR A 88 -6.47 -20.40 -16.85
N CYS A 89 -6.07 -19.87 -18.01
CA CYS A 89 -4.80 -20.19 -18.67
C CYS A 89 -4.24 -18.96 -19.42
N VAL A 90 -3.13 -19.11 -20.14
CA VAL A 90 -2.41 -17.96 -20.72
C VAL A 90 -1.57 -18.32 -21.96
N SER A 91 -1.27 -17.36 -22.82
CA SER A 91 -0.39 -17.65 -23.94
C SER A 91 0.72 -16.63 -24.09
N GLY A 92 1.95 -17.11 -23.91
CA GLY A 92 3.09 -16.22 -23.91
C GLY A 92 3.93 -16.63 -22.74
N LEU A 93 3.46 -17.65 -22.05
CA LEU A 93 4.21 -18.27 -20.98
C LEU A 93 4.47 -19.72 -21.35
N PRO A 94 5.62 -20.26 -20.90
CA PRO A 94 6.65 -19.56 -20.11
C PRO A 94 7.52 -18.73 -21.02
N GLU A 95 7.41 -19.02 -22.29
CA GLU A 95 8.36 -18.60 -23.26
C GLU A 95 7.55 -17.93 -24.36
N ALA A 96 8.07 -16.79 -24.84
CA ALA A 96 7.33 -15.84 -25.67
C ALA A 96 6.77 -16.46 -26.94
N ARG A 97 5.75 -15.83 -27.52
CA ARG A 97 5.17 -16.23 -28.81
C ARG A 97 4.46 -15.06 -29.49
N ALA A 98 4.54 -15.03 -30.81
CA ALA A 98 3.92 -14.01 -31.64
C ALA A 98 2.44 -14.29 -31.80
N ASP A 99 2.11 -15.57 -31.96
CA ASP A 99 0.73 -16.01 -32.18
C ASP A 99 -0.09 -15.88 -30.90
N HIS A 100 0.54 -15.29 -29.88
CA HIS A 100 0.09 -15.38 -28.49
C HIS A 100 -1.40 -15.15 -28.28
N ALA A 101 -1.93 -14.11 -28.93
CA ALA A 101 -3.36 -13.84 -28.87
C ALA A 101 -4.13 -15.01 -29.45
N HIS A 102 -3.79 -15.38 -30.69
CA HIS A 102 -4.52 -16.37 -31.48
C HIS A 102 -4.75 -17.66 -30.69
N CYS A 103 -3.76 -18.00 -29.88
CA CYS A 103 -3.80 -19.19 -29.04
C CYS A 103 -4.92 -19.15 -28.00
N CYS A 104 -4.93 -18.09 -27.19
CA CYS A 104 -5.97 -17.92 -26.20
C CYS A 104 -7.32 -17.85 -26.87
N VAL A 105 -7.35 -17.37 -28.11
CA VAL A 105 -8.55 -17.41 -28.91
C VAL A 105 -8.84 -18.87 -29.19
N GLU A 106 -7.94 -19.51 -29.92
CA GLU A 106 -8.19 -20.87 -30.39
C GLU A 106 -8.52 -21.81 -29.23
N MET A 107 -8.13 -21.40 -28.04
CA MET A 107 -8.51 -22.08 -26.80
C MET A 107 -10.01 -21.97 -26.52
N GLY A 108 -10.51 -20.74 -26.43
CA GLY A 108 -11.92 -20.47 -26.13
C GLY A 108 -12.69 -21.27 -27.15
N MET A 109 -12.34 -21.04 -28.42
CA MET A 109 -12.87 -21.81 -29.53
C MET A 109 -13.19 -23.26 -29.19
N ASP A 110 -12.16 -24.01 -28.79
CA ASP A 110 -12.29 -25.44 -28.50
C ASP A 110 -13.12 -25.77 -27.25
N MET A 111 -13.21 -24.81 -26.31
CA MET A 111 -13.85 -25.02 -25.00
C MET A 111 -15.39 -25.09 -25.02
N ILE A 112 -16.02 -24.22 -25.80
CA ILE A 112 -17.48 -24.28 -25.98
C ILE A 112 -17.85 -25.48 -26.84
N GLU A 113 -16.99 -25.77 -27.81
CA GLU A 113 -17.12 -26.98 -28.57
C GLU A 113 -17.11 -28.10 -27.54
N ALA A 114 -16.05 -28.15 -26.73
CA ALA A 114 -15.85 -29.20 -25.71
C ALA A 114 -17.04 -29.35 -24.77
N ILE A 115 -17.43 -28.25 -24.13
CA ILE A 115 -18.57 -28.24 -23.19
C ILE A 115 -19.90 -28.69 -23.80
N SER A 116 -20.04 -28.54 -25.11
CA SER A 116 -21.28 -28.93 -25.79
C SER A 116 -21.59 -30.43 -25.69
N LEU A 117 -20.52 -31.24 -25.64
CA LEU A 117 -20.61 -32.69 -25.41
C LEU A 117 -21.27 -32.99 -24.09
N VAL A 118 -20.86 -32.24 -23.07
CA VAL A 118 -21.34 -32.34 -21.71
C VAL A 118 -22.78 -31.83 -21.55
N ARG A 119 -23.27 -31.06 -22.52
CA ARG A 119 -24.69 -30.70 -22.54
C ARG A 119 -25.51 -31.91 -23.00
N GLU A 120 -25.06 -32.56 -24.07
CA GLU A 120 -25.63 -33.82 -24.56
C GLU A 120 -25.51 -34.94 -23.53
N MET A 121 -24.32 -35.04 -22.93
CA MET A 121 -23.99 -36.13 -22.01
C MET A 121 -24.66 -36.04 -20.64
N THR A 122 -25.25 -34.88 -20.32
CA THR A 122 -26.10 -34.78 -19.13
C THR A 122 -27.54 -34.55 -19.59
N GLY A 123 -27.79 -33.40 -20.18
CA GLY A 123 -29.13 -33.00 -20.52
C GLY A 123 -29.49 -31.66 -19.90
N VAL A 124 -28.74 -31.27 -18.88
CA VAL A 124 -28.90 -29.93 -18.30
C VAL A 124 -28.17 -28.90 -19.18
N ASN A 125 -28.69 -27.67 -19.18
CA ASN A 125 -28.13 -26.57 -19.98
C ASN A 125 -26.94 -25.83 -19.32
N VAL A 126 -25.90 -26.57 -18.96
CA VAL A 126 -24.66 -25.97 -18.47
C VAL A 126 -23.78 -25.60 -19.65
N ASN A 127 -23.21 -24.40 -19.57
CA ASN A 127 -22.37 -23.88 -20.63
C ASN A 127 -21.20 -23.04 -20.10
N MET A 128 -20.69 -22.16 -20.96
CA MET A 128 -19.42 -21.48 -20.74
C MET A 128 -19.54 -19.95 -20.79
N ARG A 129 -18.44 -19.26 -20.48
CA ARG A 129 -18.39 -17.82 -20.54
C ARG A 129 -16.95 -17.37 -20.52
N VAL A 130 -16.33 -17.32 -21.69
CA VAL A 130 -14.92 -16.93 -21.81
C VAL A 130 -14.73 -15.41 -21.74
N GLY A 131 -13.50 -15.01 -21.43
CA GLY A 131 -13.12 -13.61 -21.38
C GLY A 131 -11.61 -13.52 -21.50
N ILE A 132 -11.13 -12.69 -22.42
CA ILE A 132 -9.70 -12.68 -22.78
C ILE A 132 -9.15 -11.28 -22.99
N HIS A 133 -8.13 -10.92 -22.21
CA HIS A 133 -7.39 -9.63 -22.34
C HIS A 133 -5.94 -9.96 -22.72
N SER A 134 -5.17 -8.94 -23.12
CA SER A 134 -3.73 -9.13 -23.42
C SER A 134 -2.87 -7.95 -22.93
N GLY A 135 -1.82 -8.23 -22.17
CA GLY A 135 -1.01 -7.18 -21.56
C GLY A 135 0.26 -7.69 -20.94
N ARG A 136 0.70 -7.04 -19.88
CA ARG A 136 1.85 -7.49 -19.12
C ARG A 136 1.36 -8.42 -18.02
N VAL A 137 2.24 -9.28 -17.52
CA VAL A 137 1.98 -10.00 -16.29
C VAL A 137 3.12 -9.99 -15.29
N HIS A 138 2.88 -10.74 -14.24
CA HIS A 138 3.93 -11.28 -13.44
C HIS A 138 3.58 -12.74 -13.27
N CYS A 139 4.57 -13.55 -12.90
CA CYS A 139 4.35 -14.98 -12.78
C CYS A 139 5.42 -15.68 -12.02
N GLY A 140 4.98 -16.72 -11.31
CA GLY A 140 5.81 -17.55 -10.46
C GLY A 140 5.05 -18.08 -9.27
N VAL A 141 5.63 -17.89 -8.10
CA VAL A 141 5.11 -18.52 -6.89
C VAL A 141 5.21 -17.63 -5.68
N LEU A 142 4.39 -17.95 -4.69
CA LEU A 142 4.35 -17.18 -3.47
C LEU A 142 4.58 -18.02 -2.21
N GLY A 143 5.12 -17.36 -1.19
CA GLY A 143 5.45 -18.02 0.05
C GLY A 143 6.35 -19.23 -0.16
N LEU A 144 6.44 -20.04 0.89
CA LEU A 144 7.37 -21.15 0.98
C LEU A 144 6.73 -22.50 0.63
N ARG A 145 5.50 -22.72 1.11
CA ARG A 145 4.88 -24.05 1.02
C ARG A 145 3.82 -24.16 -0.06
N LYS A 146 3.84 -25.28 -0.77
CA LYS A 146 2.76 -25.68 -1.70
C LYS A 146 2.62 -24.78 -2.92
N TRP A 147 3.70 -24.61 -3.67
CA TRP A 147 3.66 -23.73 -4.82
C TRP A 147 2.75 -24.17 -5.94
N GLN A 148 2.20 -23.16 -6.59
CA GLN A 148 1.32 -23.30 -7.72
C GLN A 148 1.63 -22.13 -8.64
N PHE A 149 1.93 -22.42 -9.91
CA PHE A 149 2.23 -21.37 -10.86
C PHE A 149 1.05 -20.43 -10.89
N ASP A 150 1.36 -19.13 -11.02
CA ASP A 150 0.34 -18.06 -11.03
C ASP A 150 0.81 -16.80 -11.78
N VAL A 151 -0.11 -15.85 -11.91
CA VAL A 151 0.03 -14.67 -12.75
C VAL A 151 -0.61 -13.50 -12.02
N TRP A 152 -0.06 -12.31 -12.20
CA TRP A 152 -0.63 -11.14 -11.54
C TRP A 152 -0.36 -9.86 -12.27
N SER A 153 -1.41 -9.06 -12.41
CA SER A 153 -1.38 -7.71 -12.95
C SER A 153 -2.81 -7.25 -13.16
N ASN A 154 -2.96 -5.96 -13.39
CA ASN A 154 -4.26 -5.43 -13.71
C ASN A 154 -4.76 -6.12 -14.96
N ASP A 155 -3.91 -6.20 -15.98
CA ASP A 155 -4.27 -6.86 -17.23
C ASP A 155 -4.94 -8.20 -16.95
N VAL A 156 -4.47 -8.87 -15.90
CA VAL A 156 -4.98 -10.17 -15.50
C VAL A 156 -6.39 -10.00 -14.93
N THR A 157 -6.47 -9.18 -13.88
CA THR A 157 -7.73 -8.83 -13.25
C THR A 157 -8.71 -8.52 -14.35
N LEU A 158 -8.25 -7.72 -15.30
CA LEU A 158 -9.07 -7.32 -16.43
C LEU A 158 -9.66 -8.51 -17.20
N ALA A 159 -8.83 -9.49 -17.51
CA ALA A 159 -9.33 -10.70 -18.17
C ALA A 159 -10.39 -11.38 -17.31
N ASN A 160 -10.09 -11.55 -16.03
CA ASN A 160 -11.03 -12.10 -15.03
C ASN A 160 -12.36 -11.34 -15.02
N HIS A 161 -12.26 -10.02 -14.91
CA HIS A 161 -13.43 -9.16 -14.96
C HIS A 161 -14.12 -9.23 -16.28
N MET A 162 -13.57 -9.98 -17.22
CA MET A 162 -14.25 -10.18 -18.47
C MET A 162 -14.84 -11.56 -18.60
N GLU A 163 -14.38 -12.47 -17.75
CA GLU A 163 -15.14 -13.69 -17.46
C GLU A 163 -16.42 -13.24 -16.75
N ALA A 164 -16.26 -12.26 -15.86
CA ALA A 164 -17.40 -11.71 -15.16
C ALA A 164 -18.37 -11.10 -16.17
N GLY A 165 -17.86 -10.26 -17.05
CA GLY A 165 -18.70 -9.48 -17.94
C GLY A 165 -18.90 -10.08 -19.31
N GLY A 166 -18.85 -11.41 -19.39
CA GLY A 166 -19.08 -12.08 -20.65
C GLY A 166 -20.55 -12.36 -20.90
N LYS A 167 -20.82 -13.09 -21.99
CA LYS A 167 -22.13 -13.69 -22.20
C LYS A 167 -21.96 -15.14 -22.59
N ALA A 168 -22.93 -15.96 -22.18
CA ALA A 168 -22.94 -17.43 -22.37
C ALA A 168 -22.42 -17.95 -23.70
N GLY A 169 -21.61 -19.00 -23.63
CA GLY A 169 -21.07 -19.67 -24.82
C GLY A 169 -20.67 -18.70 -25.91
N ARG A 170 -20.13 -17.57 -25.50
CA ARG A 170 -19.53 -16.64 -26.44
C ARG A 170 -18.24 -16.15 -25.87
N ILE A 171 -17.29 -15.94 -26.78
CA ILE A 171 -15.92 -15.61 -26.43
C ILE A 171 -15.79 -14.11 -26.33
N HIS A 172 -15.26 -13.65 -25.20
CA HIS A 172 -15.10 -12.23 -24.92
C HIS A 172 -13.68 -11.77 -25.16
N ILE A 173 -13.50 -10.53 -25.66
CA ILE A 173 -12.16 -9.98 -25.94
C ILE A 173 -12.05 -8.43 -25.86
N THR A 174 -10.86 -7.94 -25.52
CA THR A 174 -10.64 -6.52 -25.25
C THR A 174 -10.18 -5.72 -26.46
N LYS A 175 -9.99 -4.41 -26.23
CA LYS A 175 -9.37 -3.51 -27.19
C LYS A 175 -8.08 -4.12 -27.67
N ALA A 176 -7.17 -4.33 -26.72
CA ALA A 176 -5.86 -4.93 -26.91
C ALA A 176 -5.86 -6.27 -27.65
N THR A 177 -6.72 -7.19 -27.21
CA THR A 177 -6.73 -8.54 -27.79
C THR A 177 -7.21 -8.55 -29.24
N LEU A 178 -7.89 -7.48 -29.66
CA LEU A 178 -8.14 -7.30 -31.06
C LEU A 178 -6.85 -6.91 -31.81
N SER A 179 -6.02 -6.10 -31.16
CA SER A 179 -4.82 -5.52 -31.78
C SER A 179 -3.69 -6.54 -31.97
N TYR A 180 -3.71 -7.59 -31.14
CA TYR A 180 -2.71 -8.65 -31.21
C TYR A 180 -3.25 -9.79 -32.08
N LEU A 181 -4.37 -9.49 -32.74
CA LEU A 181 -5.16 -10.48 -33.49
C LEU A 181 -5.01 -10.38 -35.01
N ASN A 182 -4.91 -9.17 -35.53
CA ASN A 182 -4.96 -8.85 -36.96
C ASN A 182 -6.20 -9.40 -37.63
N GLY A 183 -7.36 -9.13 -37.03
CA GLY A 183 -8.66 -9.49 -37.58
C GLY A 183 -8.62 -10.60 -38.63
N ASP A 184 -8.22 -11.79 -38.20
CA ASP A 184 -8.47 -12.99 -38.97
C ASP A 184 -9.82 -13.52 -38.48
N TYR A 185 -10.40 -12.79 -37.53
CA TYR A 185 -11.66 -13.18 -36.91
C TYR A 185 -12.74 -12.15 -37.18
N GLU A 186 -13.94 -12.67 -37.44
CA GLU A 186 -15.14 -11.87 -37.59
C GLU A 186 -15.76 -11.68 -36.20
N VAL A 187 -15.98 -10.41 -35.81
CA VAL A 187 -16.43 -10.06 -34.45
C VAL A 187 -17.54 -9.01 -34.42
N GLU A 188 -17.94 -8.58 -33.22
CA GLU A 188 -18.90 -7.49 -33.06
C GLU A 188 -18.92 -6.95 -31.62
N PRO A 189 -19.51 -5.75 -31.40
CA PRO A 189 -19.49 -5.09 -30.10
C PRO A 189 -20.17 -5.91 -29.04
N GLY A 190 -19.46 -6.13 -27.95
CA GLY A 190 -20.02 -6.78 -26.76
C GLY A 190 -20.53 -5.74 -25.77
N CYS A 191 -19.86 -4.58 -25.75
CA CYS A 191 -20.15 -3.51 -24.79
C CYS A 191 -20.41 -4.09 -23.38
N GLY A 192 -19.36 -4.66 -22.80
CA GLY A 192 -19.42 -5.35 -21.52
C GLY A 192 -19.69 -4.44 -20.34
N GLY A 193 -19.40 -3.15 -20.50
CA GLY A 193 -19.69 -2.14 -19.50
C GLY A 193 -21.11 -2.23 -18.96
N GLU A 194 -22.02 -2.77 -19.77
CA GLU A 194 -23.39 -2.97 -19.33
C GLU A 194 -23.64 -4.38 -18.79
N ARG A 195 -22.58 -5.01 -18.28
CA ARG A 195 -22.71 -6.27 -17.55
C ARG A 195 -21.95 -6.17 -16.24
N ASN A 196 -20.73 -5.70 -16.34
CA ASN A 196 -19.79 -5.69 -15.26
C ASN A 196 -19.23 -4.29 -14.98
N ALA A 197 -19.17 -3.94 -13.69
CA ALA A 197 -18.69 -2.65 -13.23
C ALA A 197 -17.33 -2.23 -13.81
N TYR A 198 -16.26 -2.79 -13.25
CA TYR A 198 -14.84 -2.53 -13.63
C TYR A 198 -14.62 -2.21 -15.12
N LEU A 199 -15.48 -2.77 -15.97
CA LEU A 199 -15.48 -2.50 -17.40
C LEU A 199 -15.93 -1.08 -17.69
N LYS A 200 -17.24 -0.88 -17.60
CA LYS A 200 -17.82 0.45 -17.68
C LYS A 200 -16.82 1.46 -17.09
N GLU A 201 -16.62 1.36 -15.78
CA GLU A 201 -15.84 2.31 -14.97
C GLU A 201 -14.41 2.60 -15.44
N HIS A 202 -13.84 1.72 -16.26
CA HIS A 202 -12.49 1.94 -16.76
C HIS A 202 -12.43 2.20 -18.27
N SER A 203 -13.58 2.49 -18.87
CA SER A 203 -13.68 2.86 -20.29
C SER A 203 -13.25 1.72 -21.21
N ILE A 204 -13.89 0.57 -21.04
CA ILE A 204 -13.43 -0.64 -21.72
C ILE A 204 -14.30 -1.00 -22.94
N GLU A 205 -13.65 -1.14 -24.08
CA GLU A 205 -14.33 -1.52 -25.31
C GLU A 205 -14.24 -3.05 -25.45
N THR A 206 -15.38 -3.73 -25.44
CA THR A 206 -15.38 -5.20 -25.54
C THR A 206 -16.05 -5.75 -26.80
N PHE A 207 -15.64 -6.95 -27.18
CA PHE A 207 -16.06 -7.53 -28.44
C PHE A 207 -16.38 -9.02 -28.32
N LEU A 208 -17.27 -9.49 -29.19
CA LEU A 208 -17.58 -10.92 -29.24
C LEU A 208 -17.11 -11.51 -30.57
N ILE A 209 -17.12 -12.84 -30.69
CA ILE A 209 -16.57 -13.53 -31.87
C ILE A 209 -17.61 -14.34 -32.68
N LEU A 210 -17.56 -14.25 -34.01
CA LEU A 210 -18.55 -14.93 -34.88
C LEU A 210 -18.08 -16.24 -35.47
N HIS B 10 -8.19 -40.99 -5.95
CA HIS B 10 -8.68 -40.05 -4.91
C HIS B 10 -10.08 -40.39 -4.39
N GLN B 11 -10.39 -39.88 -3.20
CA GLN B 11 -11.48 -40.39 -2.35
C GLN B 11 -12.18 -39.34 -1.51
N SER B 12 -13.35 -39.71 -0.98
CA SER B 12 -14.16 -38.83 -0.11
C SER B 12 -13.85 -38.89 1.39
N TYR B 13 -14.68 -38.19 2.15
CA TYR B 13 -14.40 -37.88 3.53
C TYR B 13 -15.66 -37.41 4.24
N ASP B 14 -15.53 -37.08 5.52
CA ASP B 14 -16.68 -36.80 6.37
C ASP B 14 -16.62 -35.52 7.18
N CYS B 15 -15.55 -35.39 7.95
CA CYS B 15 -15.44 -34.28 8.85
C CYS B 15 -14.18 -33.43 8.68
N VAL B 16 -14.11 -32.79 7.53
CA VAL B 16 -13.03 -31.89 7.15
C VAL B 16 -13.52 -30.46 7.37
N CYS B 17 -12.63 -29.63 7.93
CA CYS B 17 -12.91 -28.26 8.34
C CYS B 17 -12.17 -27.34 7.38
N VAL B 18 -12.89 -26.50 6.65
CA VAL B 18 -12.28 -25.68 5.57
C VAL B 18 -12.20 -24.21 5.95
N MET B 19 -11.02 -23.60 5.81
CA MET B 19 -10.90 -22.19 6.10
C MET B 19 -10.34 -21.38 4.97
N PHE B 20 -10.99 -20.24 4.71
CA PHE B 20 -10.48 -19.18 3.82
C PHE B 20 -10.25 -17.92 4.60
N ALA B 21 -9.09 -17.30 4.36
CA ALA B 21 -8.75 -16.01 4.95
C ALA B 21 -8.21 -15.06 3.89
N SER B 22 -8.98 -14.04 3.57
CA SER B 22 -8.48 -13.02 2.67
C SER B 22 -8.19 -11.71 3.40
N ILE B 23 -7.46 -10.85 2.68
CA ILE B 23 -7.00 -9.55 3.13
C ILE B 23 -7.47 -8.58 2.06
N PRO B 24 -8.70 -8.06 2.23
CA PRO B 24 -9.34 -7.28 1.17
C PRO B 24 -8.79 -5.89 0.99
N ASP B 25 -8.14 -5.36 2.03
CA ASP B 25 -7.38 -4.11 1.92
C ASP B 25 -6.31 -4.15 0.80
N PHE B 26 -6.07 -5.33 0.23
CA PHE B 26 -4.95 -5.54 -0.71
C PHE B 26 -5.20 -5.08 -2.13
N LYS B 27 -6.31 -5.55 -2.72
CA LYS B 27 -6.72 -5.22 -4.10
C LYS B 27 -6.57 -3.73 -4.47
N GLU B 28 -6.78 -2.85 -3.48
CA GLU B 28 -6.47 -1.40 -3.62
C GLU B 28 -4.96 -1.23 -3.70
N PHE B 29 -4.31 -1.44 -2.56
CA PHE B 29 -2.85 -1.27 -2.36
C PHE B 29 -2.02 -1.78 -3.52
N TYR B 30 -2.64 -2.55 -4.40
CA TYR B 30 -1.95 -2.99 -5.58
C TYR B 30 -1.87 -1.92 -6.68
N THR B 31 -0.75 -1.19 -6.65
CA THR B 31 -0.41 -0.18 -7.65
C THR B 31 0.51 -0.77 -8.73
N GLU B 32 0.60 -0.09 -9.87
CA GLU B 32 1.63 -0.36 -10.87
C GLU B 32 2.18 0.96 -11.40
N SER B 33 3.49 1.11 -11.33
CA SER B 33 4.15 2.36 -11.70
C SER B 33 5.62 2.10 -11.95
N ASP B 34 6.25 3.03 -12.66
CA ASP B 34 7.69 3.02 -12.91
C ASP B 34 8.38 2.87 -11.55
N VAL B 35 7.79 3.50 -10.54
CA VAL B 35 8.41 3.57 -9.22
C VAL B 35 8.34 2.22 -8.50
N ASN B 36 7.16 1.60 -8.54
CA ASN B 36 6.98 0.26 -8.00
C ASN B 36 6.95 -0.70 -9.18
N LYS B 37 7.99 -1.54 -9.27
CA LYS B 37 8.38 -2.00 -10.60
C LYS B 37 7.24 -2.72 -11.30
N GLU B 38 6.29 -1.94 -11.81
CA GLU B 38 5.17 -2.49 -12.56
C GLU B 38 4.35 -3.46 -11.70
N GLY B 39 4.25 -3.15 -10.41
CA GLY B 39 3.40 -3.94 -9.50
C GLY B 39 4.11 -5.10 -8.82
N LEU B 40 5.41 -5.21 -9.04
CA LEU B 40 6.17 -6.27 -8.41
C LEU B 40 6.50 -5.97 -6.93
N GLU B 41 7.07 -4.79 -6.64
CA GLU B 41 7.36 -4.45 -5.26
C GLU B 41 6.18 -4.72 -4.30
N CYS B 42 4.97 -4.86 -4.83
CA CYS B 42 3.82 -5.20 -4.00
C CYS B 42 3.77 -6.71 -3.81
N LEU B 43 3.74 -7.41 -4.94
CA LEU B 43 3.93 -8.83 -4.97
C LEU B 43 5.04 -9.23 -4.02
N ARG B 44 6.01 -8.36 -3.81
CA ARG B 44 7.06 -8.62 -2.83
C ARG B 44 6.52 -8.70 -1.41
N LEU B 45 5.54 -7.85 -1.11
CA LEU B 45 5.03 -7.78 0.23
C LEU B 45 4.05 -8.91 0.43
N LEU B 46 3.38 -9.32 -0.64
CA LEU B 46 2.46 -10.43 -0.52
C LEU B 46 3.27 -11.64 -0.13
N ASN B 47 4.37 -11.81 -0.83
CA ASN B 47 5.32 -12.84 -0.52
C ASN B 47 5.73 -12.78 0.96
N GLU B 48 6.26 -11.64 1.41
CA GLU B 48 6.67 -11.49 2.81
C GLU B 48 5.60 -11.85 3.85
N ILE B 49 4.34 -11.79 3.43
CA ILE B 49 3.21 -12.17 4.28
C ILE B 49 2.86 -13.65 4.15
N ILE B 50 2.40 -14.04 2.96
CA ILE B 50 2.05 -15.43 2.67
C ILE B 50 3.06 -16.38 3.28
N ALA B 51 4.34 -16.02 3.15
CA ALA B 51 5.44 -16.75 3.78
C ALA B 51 5.23 -16.75 5.28
N ASP B 52 5.22 -15.55 5.86
CA ASP B 52 4.98 -15.39 7.29
C ASP B 52 3.85 -16.28 7.80
N PHE B 53 2.89 -16.58 6.92
CA PHE B 53 1.78 -17.46 7.24
C PHE B 53 2.16 -18.94 7.19
N ASP B 54 2.87 -19.34 6.13
CA ASP B 54 3.30 -20.72 5.97
C ASP B 54 4.23 -21.11 7.09
N ASP B 55 5.01 -20.12 7.52
CA ASP B 55 5.84 -20.24 8.72
C ASP B 55 5.05 -20.82 9.90
N LEU B 56 3.73 -20.73 9.82
CA LEU B 56 2.90 -21.24 10.88
C LEU B 56 2.63 -22.73 10.72
N LEU B 57 2.55 -23.20 9.48
CA LEU B 57 2.38 -24.63 9.30
C LEU B 57 3.41 -25.45 10.12
N SER B 58 4.67 -25.05 10.07
CA SER B 58 5.76 -25.71 10.80
C SER B 58 5.44 -25.88 12.26
N LYS B 59 4.82 -24.86 12.86
CA LYS B 59 4.42 -24.93 14.25
C LYS B 59 3.98 -26.35 14.63
N PRO B 60 4.35 -26.80 15.84
CA PRO B 60 3.96 -28.15 16.27
C PRO B 60 2.44 -28.27 16.46
N LYS B 61 1.86 -27.30 17.20
CA LYS B 61 0.44 -27.25 17.48
C LYS B 61 -0.43 -27.07 16.23
N PHE B 62 0.19 -26.89 15.08
CA PHE B 62 -0.54 -26.82 13.83
C PHE B 62 -0.06 -27.90 12.87
N SER B 63 0.64 -28.89 13.41
CA SER B 63 1.09 -30.06 12.63
C SER B 63 -0.06 -30.67 11.83
N GLY B 64 -1.28 -30.52 12.36
CA GLY B 64 -2.50 -30.98 11.71
C GLY B 64 -3.04 -30.13 10.57
N VAL B 65 -2.70 -28.85 10.59
CA VAL B 65 -3.14 -27.92 9.54
C VAL B 65 -2.42 -28.19 8.23
N GLU B 66 -3.17 -28.24 7.12
CA GLU B 66 -2.53 -28.41 5.81
C GLU B 66 -3.02 -27.45 4.73
N LYS B 67 -2.16 -26.49 4.35
CA LYS B 67 -2.42 -25.50 3.31
C LYS B 67 -2.78 -26.16 1.98
N ILE B 68 -3.68 -25.55 1.22
CA ILE B 68 -4.13 -26.12 -0.04
C ILE B 68 -3.64 -25.32 -1.24
N LYS B 69 -3.67 -23.99 -1.11
CA LYS B 69 -3.46 -23.03 -2.20
C LYS B 69 -3.71 -21.65 -1.66
N THR B 70 -3.14 -20.65 -2.33
CA THR B 70 -3.48 -19.25 -2.06
C THR B 70 -4.08 -18.69 -3.33
N ILE B 71 -5.21 -18.01 -3.18
CA ILE B 71 -5.94 -17.47 -4.30
C ILE B 71 -5.88 -15.94 -4.28
N GLY B 72 -5.12 -15.39 -5.21
CA GLY B 72 -4.71 -14.01 -5.09
C GLY B 72 -4.10 -13.83 -3.71
N SER B 73 -4.73 -13.00 -2.88
CA SER B 73 -4.28 -12.82 -1.50
C SER B 73 -5.23 -13.53 -0.55
N THR B 74 -5.86 -14.59 -1.04
CA THR B 74 -6.75 -15.33 -0.19
C THR B 74 -6.15 -16.69 0.14
N TYR B 75 -6.10 -17.00 1.44
CA TYR B 75 -5.40 -18.17 1.97
C TYR B 75 -6.38 -19.30 2.14
N MET B 76 -5.98 -20.53 1.83
CA MET B 76 -6.90 -21.66 2.00
C MET B 76 -6.23 -22.84 2.68
N ALA B 77 -6.82 -23.34 3.77
CA ALA B 77 -6.22 -24.44 4.52
C ALA B 77 -7.23 -25.26 5.34
N ALA B 78 -6.89 -26.50 5.64
CA ALA B 78 -7.86 -27.45 6.19
C ALA B 78 -7.33 -28.37 7.31
N THR B 79 -8.19 -28.67 8.27
CA THR B 79 -7.90 -29.73 9.23
C THR B 79 -8.85 -30.92 9.00
N GLY B 80 -8.32 -32.14 9.05
CA GLY B 80 -9.16 -33.33 8.97
C GLY B 80 -8.59 -34.51 8.20
N LEU B 81 -7.84 -34.24 7.14
CA LEU B 81 -7.33 -35.26 6.20
C LEU B 81 -6.21 -36.18 6.76
N SER B 82 -5.98 -36.07 8.07
CA SER B 82 -5.06 -36.93 8.83
C SER B 82 -5.77 -38.19 9.35
N ALA B 83 -7.09 -38.25 9.15
CA ALA B 83 -7.89 -39.45 9.50
C ALA B 83 -8.74 -39.93 8.30
N ARG B 95 -11.72 -34.10 21.70
CA ARG B 95 -12.56 -35.25 21.35
C ARG B 95 -12.24 -35.73 19.92
N GLN B 96 -13.24 -35.67 19.05
CA GLN B 96 -13.18 -36.17 17.67
C GLN B 96 -13.18 -34.96 16.75
N TYR B 97 -13.68 -33.85 17.31
CA TYR B 97 -13.90 -32.62 16.59
C TYR B 97 -12.84 -31.58 16.93
N MET B 98 -11.81 -32.02 17.64
CA MET B 98 -10.71 -31.16 18.02
C MET B 98 -10.13 -30.38 16.84
N HIS B 99 -10.17 -30.98 15.65
CA HIS B 99 -9.55 -30.39 14.46
C HIS B 99 -10.14 -29.09 13.96
N ILE B 100 -11.45 -28.91 14.17
CA ILE B 100 -12.11 -27.61 13.91
C ILE B 100 -11.64 -26.54 14.88
N GLY B 101 -11.64 -26.90 16.16
CA GLY B 101 -11.16 -26.02 17.23
C GLY B 101 -9.80 -25.54 16.81
N THR B 102 -8.93 -26.51 16.51
CA THR B 102 -7.58 -26.27 16.08
C THR B 102 -7.53 -25.12 15.08
N MET B 103 -8.20 -25.35 13.95
CA MET B 103 -8.18 -24.47 12.81
C MET B 103 -8.37 -23.02 13.22
N VAL B 104 -9.43 -22.77 13.97
CA VAL B 104 -9.75 -21.42 14.49
C VAL B 104 -8.55 -20.79 15.21
N GLU B 105 -7.85 -21.56 16.04
CA GLU B 105 -6.65 -21.05 16.69
C GLU B 105 -5.56 -20.75 15.69
N PHE B 106 -5.67 -21.37 14.52
CA PHE B 106 -4.79 -21.08 13.42
C PHE B 106 -5.14 -19.71 12.88
N ALA B 107 -6.41 -19.55 12.54
CA ALA B 107 -6.87 -18.33 11.92
C ALA B 107 -6.35 -17.21 12.77
N TYR B 108 -6.78 -17.15 14.04
CA TYR B 108 -6.33 -16.11 15.01
C TYR B 108 -4.82 -15.80 14.95
N ALA B 109 -4.03 -16.87 14.83
CA ALA B 109 -2.58 -16.79 14.82
C ALA B 109 -2.00 -16.17 13.56
N LEU B 110 -2.81 -16.03 12.50
CA LEU B 110 -2.35 -15.34 11.29
C LEU B 110 -2.44 -13.84 11.56
N VAL B 111 -3.50 -13.47 12.26
CA VAL B 111 -3.74 -12.12 12.73
C VAL B 111 -2.60 -11.63 13.61
N GLY B 112 -2.00 -12.54 14.38
CA GLY B 112 -0.77 -12.25 15.11
C GLY B 112 0.34 -11.99 14.13
N LYS B 113 0.54 -12.94 13.22
CA LYS B 113 1.42 -12.77 12.05
C LYS B 113 1.19 -11.46 11.31
N LEU B 114 -0.08 -11.14 11.05
CA LEU B 114 -0.42 -9.96 10.26
C LEU B 114 -0.13 -8.64 10.95
N ASP B 115 -0.51 -8.52 12.21
CA ASP B 115 -0.19 -7.35 12.99
C ASP B 115 1.32 -7.18 13.17
N ALA B 116 2.09 -8.21 12.82
CA ALA B 116 3.53 -8.06 12.76
C ALA B 116 3.92 -7.38 11.45
N ILE B 117 3.19 -7.68 10.39
CA ILE B 117 3.51 -7.09 9.10
C ILE B 117 3.21 -5.61 9.08
N ASN B 118 1.99 -5.27 9.49
CA ASN B 118 1.58 -3.89 9.61
C ASN B 118 2.64 -3.06 10.30
N LYS B 119 3.06 -3.56 11.47
CA LYS B 119 4.08 -2.91 12.27
C LYS B 119 5.20 -2.35 11.39
N HIS B 120 5.66 -3.18 10.46
CA HIS B 120 6.88 -2.93 9.72
C HIS B 120 6.63 -2.45 8.31
N SER B 121 5.40 -2.58 7.85
CA SER B 121 5.06 -2.08 6.51
C SER B 121 4.32 -0.75 6.61
N PHE B 122 4.26 -0.21 7.83
CA PHE B 122 3.56 1.04 8.11
C PHE B 122 2.23 0.97 7.40
N ASN B 123 1.39 0.03 7.84
CA ASN B 123 0.17 -0.30 7.11
C ASN B 123 -0.91 -0.79 8.06
N ASP B 124 -2.09 -1.05 7.50
CA ASP B 124 -3.22 -1.57 8.26
C ASP B 124 -3.96 -2.64 7.46
N PHE B 125 -3.79 -3.89 7.87
CA PHE B 125 -4.40 -4.99 7.17
C PHE B 125 -5.23 -5.82 8.12
N LYS B 126 -6.52 -5.97 7.82
CA LYS B 126 -7.35 -6.86 8.58
C LYS B 126 -7.53 -8.18 7.82
N LEU B 127 -7.84 -9.26 8.54
CA LEU B 127 -8.09 -10.55 7.87
C LEU B 127 -9.57 -10.96 7.78
N ARG B 128 -9.94 -11.65 6.70
CA ARG B 128 -11.33 -12.01 6.46
C ARG B 128 -11.60 -13.51 6.39
N VAL B 129 -11.97 -14.08 7.53
CA VAL B 129 -12.09 -15.53 7.67
C VAL B 129 -13.49 -16.04 7.36
N GLY B 130 -13.54 -17.08 6.53
CA GLY B 130 -14.69 -17.96 6.52
C GLY B 130 -14.22 -19.36 6.89
N ILE B 131 -14.99 -20.09 7.70
CA ILE B 131 -14.68 -21.48 8.10
C ILE B 131 -15.91 -22.39 8.07
N ASN B 132 -15.66 -23.70 7.97
CA ASN B 132 -16.72 -24.70 7.91
C ASN B 132 -16.24 -26.14 8.10
N HIS B 133 -17.12 -27.12 7.84
CA HIS B 133 -16.83 -28.57 7.99
C HIS B 133 -17.90 -29.48 7.34
N GLY B 134 -17.56 -30.74 7.08
CA GLY B 134 -18.51 -31.70 6.50
C GLY B 134 -17.94 -32.48 5.31
N PRO B 135 -18.82 -33.09 4.48
CA PRO B 135 -18.43 -33.92 3.33
C PRO B 135 -17.61 -33.22 2.27
N VAL B 136 -16.38 -33.68 2.07
CA VAL B 136 -15.50 -33.17 1.01
C VAL B 136 -14.94 -34.35 0.20
N ILE B 137 -14.20 -34.03 -0.86
CA ILE B 137 -13.39 -34.99 -1.61
C ILE B 137 -12.00 -34.35 -1.63
N ALA B 138 -10.93 -35.14 -1.81
CA ALA B 138 -9.59 -34.55 -1.74
C ALA B 138 -8.59 -35.18 -2.71
N GLY B 139 -8.66 -34.78 -3.98
CA GLY B 139 -7.91 -35.46 -5.04
C GLY B 139 -6.91 -34.71 -5.91
N VAL B 140 -6.81 -35.16 -7.16
CA VAL B 140 -5.90 -34.59 -8.15
C VAL B 140 -6.65 -34.29 -9.45
N ILE B 141 -6.52 -33.04 -9.91
CA ILE B 141 -7.28 -32.55 -11.05
C ILE B 141 -6.38 -32.32 -12.27
N GLY B 142 -6.81 -32.85 -13.42
CA GLY B 142 -6.07 -32.72 -14.68
C GLY B 142 -4.72 -33.41 -14.65
N ALA B 143 -4.39 -34.13 -15.72
CA ALA B 143 -3.11 -34.84 -15.77
C ALA B 143 -1.94 -33.87 -16.02
N GLN B 144 -2.22 -32.76 -16.70
CA GLN B 144 -1.18 -31.81 -17.19
C GLN B 144 -0.33 -31.17 -16.09
N LYS B 145 -1.00 -30.71 -15.03
CA LYS B 145 -0.35 -30.50 -13.75
C LYS B 145 -1.27 -31.14 -12.72
N PRO B 146 -0.80 -32.19 -12.06
CA PRO B 146 -1.57 -32.88 -11.05
C PRO B 146 -1.44 -32.19 -9.69
N GLN B 147 -2.53 -31.59 -9.21
CA GLN B 147 -2.53 -30.76 -7.98
C GLN B 147 -3.56 -31.13 -6.89
N TYR B 148 -3.13 -31.07 -5.63
CA TYR B 148 -3.96 -31.41 -4.48
C TYR B 148 -4.88 -30.25 -4.12
N ASP B 149 -6.18 -30.44 -4.33
CA ASP B 149 -7.21 -29.42 -4.07
C ASP B 149 -8.57 -30.08 -3.82
N ILE B 150 -9.28 -29.58 -2.82
CA ILE B 150 -10.46 -30.28 -2.30
C ILE B 150 -11.78 -29.73 -2.84
N TRP B 151 -12.64 -30.63 -3.32
CA TRP B 151 -13.96 -30.21 -3.79
C TRP B 151 -15.05 -30.46 -2.77
N GLY B 152 -16.27 -30.03 -3.10
CA GLY B 152 -17.44 -30.36 -2.31
C GLY B 152 -18.29 -29.17 -1.94
N ASN B 153 -19.57 -29.42 -1.67
CA ASN B 153 -20.40 -28.33 -1.17
C ASN B 153 -19.70 -27.71 0.01
N THR B 154 -19.47 -28.52 1.04
CA THR B 154 -18.82 -28.09 2.27
C THR B 154 -17.85 -26.96 2.07
N VAL B 155 -17.01 -27.08 1.04
CA VAL B 155 -15.99 -26.05 0.70
C VAL B 155 -16.59 -24.73 0.21
N ASN B 156 -17.52 -24.83 -0.75
CA ASN B 156 -18.07 -23.64 -1.36
C ASN B 156 -18.58 -22.73 -0.29
N VAL B 157 -19.08 -23.35 0.77
CA VAL B 157 -19.65 -22.58 1.85
C VAL B 157 -18.56 -21.82 2.63
N ALA B 158 -17.51 -22.53 2.99
CA ALA B 158 -16.45 -21.89 3.72
C ALA B 158 -15.98 -20.68 2.94
N SER B 159 -16.23 -20.67 1.62
CA SER B 159 -15.88 -19.54 0.77
C SER B 159 -16.90 -18.41 0.87
N ARG B 160 -18.18 -18.79 0.93
CA ARG B 160 -19.24 -17.83 1.16
C ARG B 160 -18.98 -17.12 2.47
N MET B 161 -18.51 -17.88 3.45
CA MET B 161 -18.19 -17.36 4.76
C MET B 161 -17.12 -16.27 4.73
N ASP B 162 -16.19 -16.42 3.81
CA ASP B 162 -15.17 -15.43 3.53
C ASP B 162 -15.86 -14.24 2.88
N SER B 163 -16.14 -14.37 1.58
CA SER B 163 -16.66 -13.29 0.73
C SER B 163 -17.80 -12.44 1.30
N THR B 164 -18.49 -12.95 2.33
CA THR B 164 -19.60 -12.23 2.91
C THR B 164 -19.41 -11.98 4.43
N GLY B 165 -18.20 -12.14 4.89
CA GLY B 165 -17.87 -11.87 6.28
C GLY B 165 -17.56 -10.41 6.57
N VAL B 166 -16.60 -10.24 7.49
CA VAL B 166 -16.23 -8.95 8.12
C VAL B 166 -14.74 -8.97 8.46
N LEU B 167 -14.11 -7.83 8.28
CA LEU B 167 -12.71 -7.66 8.67
C LEU B 167 -12.62 -8.04 10.14
N ASP B 168 -11.58 -8.80 10.48
CA ASP B 168 -11.14 -8.98 11.86
C ASP B 168 -12.02 -9.84 12.75
N LYS B 169 -12.93 -10.57 12.12
CA LYS B 169 -13.75 -11.56 12.80
C LYS B 169 -13.81 -12.87 11.99
N ILE B 170 -14.36 -13.91 12.60
CA ILE B 170 -14.47 -15.22 11.96
C ILE B 170 -15.91 -15.63 11.87
N GLN B 171 -16.39 -15.78 10.65
CA GLN B 171 -17.80 -16.06 10.39
C GLN B 171 -17.99 -17.53 10.01
N VAL B 172 -18.82 -18.23 10.77
CA VAL B 172 -18.94 -19.70 10.70
C VAL B 172 -20.40 -20.14 10.71
N THR B 173 -20.66 -21.39 10.34
CA THR B 173 -22.02 -21.85 10.03
C THR B 173 -22.81 -22.23 11.25
N GLU B 174 -24.12 -22.41 11.07
CA GLU B 174 -25.00 -22.91 12.12
C GLU B 174 -24.46 -24.24 12.72
N GLU B 175 -24.17 -25.21 11.86
CA GLU B 175 -23.60 -26.48 12.31
C GLU B 175 -22.31 -26.23 13.09
N THR B 176 -21.32 -25.68 12.40
CA THR B 176 -20.04 -25.30 12.98
C THR B 176 -20.18 -24.58 14.32
N SER B 177 -21.09 -23.61 14.39
CA SER B 177 -21.18 -22.75 15.57
C SER B 177 -21.38 -23.60 16.80
N LEU B 178 -22.39 -24.47 16.76
CA LEU B 178 -22.69 -25.39 17.85
C LEU B 178 -21.43 -26.10 18.32
N ILE B 179 -20.77 -26.83 17.42
CA ILE B 179 -19.59 -27.60 17.80
C ILE B 179 -18.55 -26.75 18.53
N LEU B 180 -18.31 -25.54 18.03
CA LEU B 180 -17.35 -24.62 18.60
C LEU B 180 -17.83 -24.18 19.95
N GLN B 181 -19.14 -24.07 20.07
CA GLN B 181 -19.79 -23.79 21.33
C GLN B 181 -19.55 -24.96 22.27
N THR B 182 -19.34 -26.15 21.72
CA THR B 182 -19.07 -27.29 22.58
C THR B 182 -17.59 -27.38 22.87
N LEU B 183 -16.89 -26.25 22.91
CA LEU B 183 -15.45 -26.28 23.13
C LEU B 183 -14.91 -25.08 23.90
N GLY B 184 -15.77 -24.45 24.70
CA GLY B 184 -15.39 -23.26 25.46
C GLY B 184 -15.28 -22.04 24.56
N TYR B 185 -16.07 -22.04 23.50
CA TYR B 185 -16.16 -20.91 22.58
C TYR B 185 -17.53 -20.22 22.73
N THR B 186 -17.52 -18.91 22.56
CA THR B 186 -18.75 -18.11 22.52
C THR B 186 -18.99 -17.48 21.14
N CYS B 187 -20.26 -17.33 20.78
CA CYS B 187 -20.61 -16.89 19.43
C CYS B 187 -21.79 -15.92 19.33
N THR B 188 -21.85 -15.20 18.19
CA THR B 188 -22.93 -14.27 17.91
C THR B 188 -23.47 -14.46 16.49
N CYS B 189 -24.80 -14.36 16.34
CA CYS B 189 -25.47 -14.56 15.07
C CYS B 189 -25.48 -13.28 14.25
N ARG B 190 -24.80 -13.35 13.11
CA ARG B 190 -24.80 -12.30 12.12
C ARG B 190 -26.18 -12.19 11.43
N GLY B 191 -26.94 -13.28 11.41
CA GLY B 191 -28.22 -13.31 10.72
C GLY B 191 -28.29 -14.30 9.58
N ILE B 192 -28.86 -13.85 8.47
CA ILE B 192 -29.21 -14.73 7.35
C ILE B 192 -28.45 -14.30 6.09
N ILE B 193 -28.04 -15.28 5.30
CA ILE B 193 -27.12 -15.08 4.18
C ILE B 193 -27.59 -15.88 2.98
N ASN B 194 -27.49 -15.29 1.80
CA ASN B 194 -27.79 -16.06 0.60
C ASN B 194 -26.63 -16.94 0.16
N VAL B 195 -26.97 -18.14 -0.29
CA VAL B 195 -26.10 -18.99 -1.08
C VAL B 195 -26.86 -19.23 -2.39
N LYS B 196 -26.16 -19.10 -3.52
CA LYS B 196 -26.81 -19.23 -4.83
C LYS B 196 -27.41 -20.64 -4.97
N GLY B 197 -26.70 -21.65 -4.48
CA GLY B 197 -27.14 -23.04 -4.56
C GLY B 197 -27.86 -23.58 -3.34
N LYS B 198 -27.80 -22.87 -2.21
CA LYS B 198 -28.36 -23.36 -0.94
C LYS B 198 -29.25 -22.32 -0.19
N GLY B 199 -29.97 -21.49 -0.96
CA GLY B 199 -30.98 -20.58 -0.41
C GLY B 199 -30.46 -19.54 0.56
N ASP B 200 -31.09 -19.44 1.72
CA ASP B 200 -30.67 -18.51 2.78
C ASP B 200 -30.43 -19.26 4.09
N LEU B 201 -29.37 -18.93 4.82
CA LEU B 201 -29.11 -19.60 6.13
C LEU B 201 -28.30 -18.81 7.19
N LYS B 202 -28.56 -19.14 8.46
CA LYS B 202 -27.97 -18.50 9.64
C LYS B 202 -26.45 -18.66 9.71
N THR B 203 -25.75 -17.61 10.10
CA THR B 203 -24.27 -17.62 10.25
C THR B 203 -23.82 -17.02 11.55
N TYR B 204 -22.56 -17.18 11.91
CA TYR B 204 -22.10 -16.67 13.21
C TYR B 204 -20.69 -16.12 13.19
N PHE B 205 -20.41 -15.20 14.11
CA PHE B 205 -19.02 -14.74 14.36
C PHE B 205 -18.60 -15.29 15.68
N VAL B 206 -17.34 -15.67 15.77
CA VAL B 206 -16.81 -16.00 17.07
C VAL B 206 -16.51 -14.73 17.82
N ASN B 207 -16.50 -14.84 19.14
CA ASN B 207 -16.09 -13.75 20.01
C ASN B 207 -14.68 -14.05 20.49
N THR B 208 -13.83 -13.00 20.50
CA THR B 208 -12.42 -13.13 20.91
C THR B 208 -12.27 -13.48 22.39
N ALA C 39 28.27 1.74 -9.34
CA ALA C 39 28.33 3.22 -9.53
C ALA C 39 26.97 3.92 -9.29
N THR C 40 25.91 3.12 -9.09
CA THR C 40 24.55 3.66 -8.91
C THR C 40 24.02 3.48 -7.46
N HIS C 41 23.33 4.50 -6.94
CA HIS C 41 22.94 4.47 -5.52
C HIS C 41 21.47 4.75 -5.15
N ARG C 42 20.61 3.73 -5.25
CA ARG C 42 19.20 3.90 -4.88
C ARG C 42 19.10 4.38 -3.43
N LEU C 43 18.79 5.67 -3.28
CA LEU C 43 18.91 6.37 -2.02
C LEU C 43 17.60 7.00 -1.58
N LEU C 44 16.91 6.31 -0.68
CA LEU C 44 15.56 6.68 -0.24
C LEU C 44 15.53 7.64 0.96
N LEU C 45 14.55 8.54 0.91
CA LEU C 45 14.49 9.72 1.76
C LEU C 45 13.24 9.72 2.65
N LEU C 46 13.42 9.53 3.96
CA LEU C 46 12.29 9.45 4.87
C LEU C 46 12.30 10.56 5.90
N GLY C 47 11.16 10.70 6.59
CA GLY C 47 11.01 11.64 7.68
C GLY C 47 9.54 11.84 7.96
N ALA C 48 9.25 12.39 9.14
CA ALA C 48 7.89 12.78 9.54
C ALA C 48 7.27 13.75 8.54
N GLY C 49 6.14 14.34 8.90
CA GLY C 49 5.51 15.41 8.12
C GLY C 49 6.27 16.72 8.27
N GLU C 50 6.53 17.39 7.15
CA GLU C 50 7.22 18.68 7.16
C GLU C 50 8.58 18.60 7.87
N SER C 51 9.24 17.46 7.74
CA SER C 51 10.58 17.28 8.24
C SER C 51 11.51 18.12 7.39
N GLY C 52 11.18 18.26 6.11
CA GLY C 52 11.97 19.04 5.17
C GLY C 52 12.49 18.30 3.95
N LYS C 53 11.84 17.20 3.59
CA LYS C 53 12.34 16.28 2.55
C LYS C 53 12.44 16.82 1.14
N SER C 54 11.30 17.12 0.53
CA SER C 54 11.27 17.53 -0.88
C SER C 54 12.04 18.83 -1.06
N THR C 55 12.57 19.32 0.06
CA THR C 55 13.45 20.48 0.11
C THR C 55 14.90 20.05 -0.10
N ILE C 56 15.26 18.90 0.46
CA ILE C 56 16.59 18.40 0.30
C ILE C 56 16.64 17.91 -1.12
N VAL C 57 15.62 17.15 -1.51
CA VAL C 57 15.39 16.89 -2.92
C VAL C 57 15.69 18.18 -3.68
N LYS C 58 15.02 19.28 -3.31
CA LYS C 58 15.18 20.61 -3.94
C LYS C 58 16.65 20.98 -4.16
N GLN C 59 17.41 21.12 -3.08
CA GLN C 59 18.82 21.44 -3.22
C GLN C 59 19.54 20.49 -4.17
N MET C 60 19.40 19.18 -3.99
CA MET C 60 20.16 18.26 -4.84
C MET C 60 19.91 18.62 -6.32
N ARG C 61 18.77 19.23 -6.61
CA ARG C 61 18.50 19.60 -7.97
C ARG C 61 19.20 20.93 -8.26
N ILE C 62 19.10 21.86 -7.31
CA ILE C 62 19.77 23.15 -7.38
C ILE C 62 21.26 22.91 -7.53
N LEU C 63 21.78 22.01 -6.71
CA LEU C 63 23.20 21.77 -6.65
C LEU C 63 23.74 20.97 -7.81
N HIS C 64 23.06 19.89 -8.17
CA HIS C 64 23.68 18.89 -9.04
C HIS C 64 22.92 18.61 -10.35
N VAL C 65 21.86 19.37 -10.62
CA VAL C 65 21.09 19.27 -11.90
C VAL C 65 21.03 20.57 -12.76
N ASN C 66 21.09 20.38 -14.08
CA ASN C 66 20.80 21.42 -15.09
C ASN C 66 19.46 22.15 -14.83
N GLY C 86 12.79 26.04 -17.25
CA GLY C 86 12.82 27.37 -16.65
C GLY C 86 11.59 28.21 -16.99
N GLU C 87 10.45 27.79 -16.47
CA GLU C 87 9.22 28.60 -16.43
C GLU C 87 8.55 28.48 -15.05
N LYS C 88 9.33 28.87 -14.03
CA LYS C 88 8.91 28.91 -12.63
C LYS C 88 7.60 29.69 -12.41
N ALA C 89 7.05 30.26 -13.49
CA ALA C 89 5.81 31.05 -13.45
C ALA C 89 4.63 30.30 -12.82
N THR C 90 4.70 28.97 -12.82
CA THR C 90 3.75 28.13 -12.11
C THR C 90 3.96 28.20 -10.58
N LYS C 91 5.22 28.13 -10.18
CA LYS C 91 5.60 28.16 -8.77
C LYS C 91 5.31 29.50 -8.10
N VAL C 92 5.03 30.53 -8.89
CA VAL C 92 4.60 31.80 -8.30
C VAL C 92 3.21 31.61 -7.69
N GLN C 93 2.24 31.26 -8.55
CA GLN C 93 0.90 30.91 -8.11
C GLN C 93 0.97 30.15 -6.79
N ASP C 94 1.90 29.21 -6.69
CA ASP C 94 2.12 28.32 -5.55
C ASP C 94 2.57 29.05 -4.32
N ILE C 95 3.51 29.97 -4.51
CA ILE C 95 3.92 30.85 -3.45
C ILE C 95 2.70 31.63 -3.03
N LYS C 96 2.09 32.34 -3.98
CA LYS C 96 0.94 33.20 -3.66
C LYS C 96 0.00 32.49 -2.71
N ASN C 97 -0.47 31.31 -3.12
CA ASN C 97 -1.22 30.40 -2.26
C ASN C 97 -0.74 30.29 -0.82
N ASN C 98 0.55 30.04 -0.63
CA ASN C 98 1.15 29.95 0.70
C ASN C 98 0.91 31.23 1.53
N LEU C 99 0.79 32.36 0.85
CA LEU C 99 0.62 33.61 1.55
C LEU C 99 -0.77 33.62 2.13
N LYS C 100 -1.77 33.43 1.28
CA LYS C 100 -3.12 33.33 1.77
C LYS C 100 -3.09 32.40 2.97
N GLU C 101 -2.71 31.15 2.70
CA GLU C 101 -2.69 30.05 3.66
C GLU C 101 -2.20 30.42 5.05
N ALA C 102 -1.13 31.22 5.10
CA ALA C 102 -0.44 31.55 6.34
C ALA C 102 -1.28 32.52 7.11
N ILE C 103 -1.62 33.61 6.45
CA ILE C 103 -2.31 34.70 7.10
C ILE C 103 -3.71 34.29 7.53
N GLU C 104 -4.43 33.55 6.67
CA GLU C 104 -5.70 33.05 7.13
C GLU C 104 -5.45 32.29 8.44
N THR C 105 -4.60 31.28 8.38
CA THR C 105 -4.27 30.46 9.56
C THR C 105 -3.85 31.22 10.84
N ILE C 106 -3.32 32.43 10.71
CA ILE C 106 -2.88 33.11 11.93
C ILE C 106 -4.03 33.86 12.55
N VAL C 107 -4.80 34.55 11.72
CA VAL C 107 -5.96 35.27 12.24
C VAL C 107 -6.85 34.22 12.86
N ALA C 108 -7.16 33.20 12.06
CA ALA C 108 -8.11 32.17 12.41
C ALA C 108 -7.98 31.96 13.91
N ALA C 109 -6.88 31.35 14.33
CA ALA C 109 -6.71 31.08 15.73
C ALA C 109 -6.11 32.29 16.41
N MET C 110 -6.98 33.20 16.82
CA MET C 110 -6.66 34.23 17.81
C MET C 110 -7.85 34.15 18.73
N SER C 111 -8.99 33.98 18.07
CA SER C 111 -10.23 33.63 18.69
C SER C 111 -10.07 32.22 19.27
N ASN C 112 -9.69 31.28 18.41
CA ASN C 112 -9.66 29.87 18.77
C ASN C 112 -8.73 29.52 19.92
N LEU C 113 -8.02 30.51 20.45
CA LEU C 113 -6.96 30.27 21.41
C LEU C 113 -7.37 30.52 22.84
N VAL C 114 -6.53 30.03 23.75
CA VAL C 114 -6.67 30.26 25.19
C VAL C 114 -5.33 30.62 25.82
N PRO C 115 -5.22 31.82 26.41
CA PRO C 115 -6.16 32.92 26.32
C PRO C 115 -6.42 33.27 24.86
N PRO C 116 -7.52 34.00 24.62
CA PRO C 116 -7.80 34.55 23.30
C PRO C 116 -6.87 35.72 23.05
N VAL C 117 -6.77 36.17 21.80
CA VAL C 117 -5.80 37.21 21.44
C VAL C 117 -6.44 38.40 20.72
N GLU C 118 -6.44 39.54 21.38
CA GLU C 118 -7.11 40.74 20.88
C GLU C 118 -6.20 41.53 19.94
N LEU C 119 -6.76 41.85 18.76
CA LEU C 119 -6.11 42.72 17.77
C LEU C 119 -5.58 43.97 18.41
N ALA C 120 -4.34 44.35 18.08
CA ALA C 120 -3.78 45.63 18.56
C ALA C 120 -4.61 46.86 18.13
N ASN C 121 -5.16 46.79 16.92
CA ASN C 121 -5.90 47.90 16.29
C ASN C 121 -7.29 47.53 15.76
N PRO C 122 -8.33 47.80 16.56
CA PRO C 122 -9.75 47.81 16.21
C PRO C 122 -10.12 48.05 14.74
N GLU C 123 -9.29 48.82 14.03
CA GLU C 123 -9.44 49.11 12.58
C GLU C 123 -9.35 47.81 11.79
N ASN C 124 -8.24 47.13 12.00
CA ASN C 124 -7.90 45.86 11.39
C ASN C 124 -9.02 44.81 11.48
N GLN C 125 -9.99 45.06 12.36
CA GLN C 125 -11.09 44.11 12.58
C GLN C 125 -11.85 43.82 11.29
N PHE C 126 -11.97 44.82 10.43
CA PHE C 126 -12.73 44.69 9.18
C PHE C 126 -11.92 43.92 8.18
N ARG C 127 -10.61 44.05 8.31
CA ARG C 127 -9.64 43.33 7.50
C ARG C 127 -9.70 41.85 7.87
N VAL C 128 -9.63 41.57 9.17
CA VAL C 128 -9.91 40.23 9.69
C VAL C 128 -11.10 39.72 8.91
N ASP C 129 -12.23 40.38 9.15
CA ASP C 129 -13.45 40.03 8.48
C ASP C 129 -13.20 39.78 6.99
N TYR C 130 -12.44 40.69 6.35
CA TYR C 130 -12.13 40.52 4.93
C TYR C 130 -11.55 39.16 4.68
N ILE C 131 -10.53 38.82 5.47
CA ILE C 131 -9.76 37.61 5.19
C ILE C 131 -10.62 36.37 5.14
N LEU C 132 -11.46 36.21 6.15
CA LEU C 132 -12.20 34.99 6.30
C LEU C 132 -13.44 35.05 5.43
N SER C 133 -13.62 36.16 4.75
CA SER C 133 -14.63 36.20 3.73
C SER C 133 -14.07 35.64 2.40
N VAL C 134 -12.79 35.28 2.40
CA VAL C 134 -12.11 34.80 1.20
C VAL C 134 -11.56 33.38 1.41
N MET C 135 -11.56 32.97 2.67
CA MET C 135 -10.80 31.81 3.16
C MET C 135 -10.95 30.50 2.41
N ASN C 136 -12.14 30.22 1.91
CA ASN C 136 -12.32 28.92 1.28
C ASN C 136 -12.54 28.94 -0.21
N VAL C 137 -12.55 30.14 -0.80
CA VAL C 137 -12.68 30.32 -2.24
C VAL C 137 -11.76 29.36 -3.00
N PRO C 138 -12.25 28.77 -4.11
CA PRO C 138 -11.48 27.80 -4.88
C PRO C 138 -10.40 28.46 -5.76
N ASP C 139 -10.78 28.88 -6.97
CA ASP C 139 -9.85 29.59 -7.84
C ASP C 139 -9.73 31.04 -7.39
N PHE C 140 -8.70 31.35 -6.61
CA PHE C 140 -8.58 32.71 -6.10
C PHE C 140 -7.92 33.61 -7.13
N ASP C 141 -8.29 34.89 -7.13
CA ASP C 141 -7.82 35.85 -8.14
C ASP C 141 -6.71 36.80 -7.67
N PHE C 142 -6.48 36.87 -6.36
CA PHE C 142 -5.47 37.76 -5.71
C PHE C 142 -5.47 39.25 -6.08
N PRO C 143 -6.61 39.92 -5.83
CA PRO C 143 -6.71 41.35 -6.02
C PRO C 143 -5.89 42.15 -4.97
N PRO C 144 -5.36 43.31 -5.39
CA PRO C 144 -4.44 44.15 -4.61
C PRO C 144 -4.87 44.47 -3.17
N GLU C 145 -6.18 44.56 -2.91
CA GLU C 145 -6.68 44.80 -1.56
C GLU C 145 -6.14 43.72 -0.65
N PHE C 146 -6.05 42.50 -1.18
CA PHE C 146 -5.64 41.37 -0.37
C PHE C 146 -4.32 41.62 0.35
N TYR C 147 -3.35 42.10 -0.40
CA TYR C 147 -2.03 42.35 0.13
C TYR C 147 -2.04 43.56 1.06
N GLU C 148 -2.81 44.58 0.69
CA GLU C 148 -3.01 45.74 1.56
C GLU C 148 -3.50 45.25 2.91
N HIS C 149 -4.48 44.34 2.88
CA HIS C 149 -5.09 43.81 4.09
C HIS C 149 -4.23 42.75 4.79
N ALA C 150 -3.50 41.96 4.01
CA ALA C 150 -2.54 41.01 4.57
C ALA C 150 -1.53 41.83 5.34
N LYS C 151 -0.71 42.60 4.60
CA LYS C 151 0.27 43.46 5.22
C LYS C 151 -0.28 44.13 6.46
N ALA C 152 -1.49 44.67 6.37
CA ALA C 152 -2.09 45.37 7.51
C ALA C 152 -2.10 44.46 8.72
N LEU C 153 -2.87 43.40 8.64
CA LEU C 153 -2.91 42.43 9.72
C LEU C 153 -1.49 42.12 10.10
N TRP C 154 -0.66 41.88 9.08
CA TRP C 154 0.71 41.45 9.31
C TRP C 154 1.50 42.48 10.12
N GLU C 155 1.17 43.75 9.91
CA GLU C 155 1.76 44.88 10.64
C GLU C 155 1.21 44.93 12.08
N ASP C 156 -0.07 44.58 12.23
CA ASP C 156 -0.74 44.58 13.53
C ASP C 156 0.07 43.78 14.55
N GLU C 157 0.35 44.43 15.68
CA GLU C 157 1.22 43.85 16.70
C GLU C 157 0.56 42.66 17.39
N GLY C 158 -0.74 42.77 17.65
CA GLY C 158 -1.49 41.69 18.27
C GLY C 158 -1.55 40.45 17.37
N VAL C 159 -1.46 40.68 16.06
CA VAL C 159 -1.29 39.58 15.12
C VAL C 159 0.10 38.96 15.32
N ARG C 160 1.12 39.81 15.27
CA ARG C 160 2.49 39.35 15.45
C ARG C 160 2.77 38.81 16.86
N ALA C 161 1.90 39.12 17.81
CA ALA C 161 2.03 38.58 19.16
C ALA C 161 1.35 37.23 19.22
N CYS C 162 0.39 37.06 18.31
CA CYS C 162 -0.26 35.77 18.10
C CYS C 162 0.61 34.83 17.30
N TYR C 163 1.42 35.42 16.43
CA TYR C 163 2.43 34.66 15.72
C TYR C 163 3.36 33.99 16.71
N GLU C 164 3.62 34.68 17.81
CA GLU C 164 4.57 34.20 18.78
C GLU C 164 4.10 32.92 19.46
N ARG C 165 2.78 32.75 19.50
CA ARG C 165 2.18 31.52 20.02
C ARG C 165 1.89 30.52 18.91
N SER C 166 2.70 30.51 17.86
CA SER C 166 2.43 29.63 16.71
C SER C 166 2.51 28.15 17.00
N ASN C 167 3.40 27.75 17.90
CA ASN C 167 3.56 26.36 18.26
C ASN C 167 2.25 25.72 18.69
N GLU C 168 1.26 26.58 18.99
CA GLU C 168 -0.03 26.18 19.58
C GLU C 168 -1.16 25.91 18.60
N TYR C 169 -0.82 25.72 17.33
CA TYR C 169 -1.77 25.44 16.26
C TYR C 169 -0.92 25.13 15.06
N GLN C 170 -1.55 24.67 13.97
CA GLN C 170 -0.83 24.17 12.77
C GLN C 170 -0.66 25.25 11.71
N LEU C 171 0.61 25.60 11.50
CA LEU C 171 1.03 26.69 10.60
C LEU C 171 2.33 26.34 9.87
N ILE C 172 2.35 26.62 8.57
CA ILE C 172 3.52 26.38 7.74
C ILE C 172 4.68 27.30 8.12
N ASP C 173 5.91 26.80 7.99
CA ASP C 173 7.08 27.57 8.39
C ASP C 173 7.71 28.46 7.29
N CYS C 174 6.95 28.74 6.23
CA CYS C 174 7.34 29.78 5.30
C CYS C 174 6.55 31.03 5.62
N ALA C 175 5.89 30.98 6.78
CA ALA C 175 5.05 32.05 7.32
C ALA C 175 5.78 33.37 7.37
N GLN C 176 6.37 33.64 8.52
CA GLN C 176 7.09 34.88 8.71
C GLN C 176 7.83 35.29 7.43
N TYR C 177 8.55 34.34 6.85
CA TYR C 177 9.47 34.66 5.78
C TYR C 177 8.82 35.33 4.59
N PHE C 178 7.61 34.91 4.26
CA PHE C 178 6.92 35.38 3.05
C PHE C 178 6.04 36.58 3.38
N LEU C 179 5.45 36.52 4.55
CA LEU C 179 4.73 37.65 5.08
C LEU C 179 5.65 38.86 5.18
N ASP C 180 6.85 38.65 5.72
CA ASP C 180 7.87 39.70 5.75
C ASP C 180 8.13 40.32 4.38
N LYS C 181 7.77 39.62 3.30
CA LYS C 181 8.02 40.14 1.96
C LYS C 181 6.86 40.11 1.00
N ILE C 182 5.76 40.74 1.38
CA ILE C 182 4.55 40.80 0.57
C ILE C 182 4.71 41.67 -0.67
N ASP C 183 5.07 42.92 -0.42
CA ASP C 183 5.19 43.91 -1.47
C ASP C 183 6.00 43.40 -2.64
N VAL C 184 7.02 42.61 -2.35
CA VAL C 184 7.82 42.00 -3.38
C VAL C 184 7.02 40.94 -4.12
N ILE C 185 6.12 40.27 -3.39
CA ILE C 185 5.39 39.16 -3.97
C ILE C 185 4.29 39.60 -4.97
N LYS C 186 3.70 40.78 -4.70
CA LYS C 186 2.54 41.26 -5.45
C LYS C 186 2.83 41.76 -6.87
N GLN C 187 4.01 42.36 -7.05
CA GLN C 187 4.46 42.87 -8.34
C GLN C 187 4.31 41.79 -9.41
N ASP C 188 3.52 42.07 -10.43
CA ASP C 188 3.15 41.08 -11.44
C ASP C 188 4.27 40.82 -12.44
N ASP C 189 5.40 41.51 -12.23
CA ASP C 189 6.62 41.24 -12.96
C ASP C 189 7.58 40.37 -12.13
N TYR C 190 7.15 40.02 -10.91
CA TYR C 190 8.03 39.39 -9.91
C TYR C 190 8.38 37.94 -10.25
N VAL C 191 9.62 37.59 -9.91
CA VAL C 191 10.14 36.23 -10.04
C VAL C 191 10.86 35.88 -8.72
N PRO C 192 10.50 34.71 -8.13
CA PRO C 192 10.97 34.26 -6.82
C PRO C 192 12.46 34.01 -6.72
N SER C 193 13.07 34.52 -5.66
CA SER C 193 14.47 34.21 -5.37
C SER C 193 14.55 32.73 -5.14
N ASP C 194 15.75 32.17 -5.12
CA ASP C 194 15.88 30.74 -4.90
C ASP C 194 15.44 30.38 -3.47
N GLN C 195 15.91 31.17 -2.53
CA GLN C 195 15.48 31.09 -1.15
C GLN C 195 13.97 30.91 -1.11
N ASP C 196 13.24 31.88 -1.68
CA ASP C 196 11.78 31.89 -1.71
C ASP C 196 11.28 30.58 -2.29
N LEU C 197 11.71 30.31 -3.51
CA LEU C 197 11.37 29.10 -4.22
C LEU C 197 11.60 27.78 -3.41
N LEU C 198 12.61 27.77 -2.54
CA LEU C 198 12.86 26.58 -1.73
C LEU C 198 11.83 26.41 -0.67
N ARG C 199 11.18 27.51 -0.29
CA ARG C 199 10.23 27.49 0.85
C ARG C 199 8.77 27.26 0.49
N CYS C 200 8.44 27.48 -0.77
CA CYS C 200 7.15 27.07 -1.29
C CYS C 200 6.84 25.59 -0.93
N ARG C 201 5.86 25.41 -0.05
CA ARG C 201 5.51 24.11 0.52
C ARG C 201 4.24 23.53 -0.09
N VAL C 202 4.35 22.31 -0.57
CA VAL C 202 3.27 21.69 -1.28
C VAL C 202 3.17 20.28 -0.73
N LEU C 203 1.97 19.82 -0.45
CA LEU C 203 1.82 18.45 0.06
C LEU C 203 2.41 17.45 -0.94
N THR C 204 3.17 16.51 -0.39
CA THR C 204 3.67 15.38 -1.14
C THR C 204 2.67 14.22 -1.08
N SER C 205 1.72 14.21 -2.02
CA SER C 205 0.90 13.03 -2.30
C SER C 205 1.54 12.22 -3.44
N GLY C 206 2.08 11.05 -3.08
CA GLY C 206 2.72 10.15 -4.04
C GLY C 206 4.10 9.67 -3.61
N ILE C 207 5.05 9.76 -4.54
CA ILE C 207 6.46 9.41 -4.33
C ILE C 207 7.19 9.76 -5.62
N PHE C 208 8.35 10.40 -5.49
CA PHE C 208 9.00 10.96 -6.68
C PHE C 208 10.50 10.69 -6.79
N GLU C 209 10.86 10.16 -7.96
CA GLU C 209 12.21 9.76 -8.32
C GLU C 209 12.98 10.91 -8.96
N THR C 210 13.92 11.47 -8.20
CA THR C 210 14.94 12.34 -8.79
C THR C 210 16.18 11.50 -9.05
N LYS C 211 16.90 11.83 -10.12
CA LYS C 211 18.13 11.14 -10.46
C LYS C 211 19.24 12.14 -10.80
N PHE C 212 20.37 12.05 -10.11
CA PHE C 212 21.49 12.95 -10.39
C PHE C 212 22.87 12.30 -10.35
N GLN C 213 23.94 13.09 -10.59
CA GLN C 213 25.34 12.61 -10.61
C GLN C 213 26.33 13.55 -9.91
N VAL C 214 27.13 13.01 -9.00
CA VAL C 214 28.27 13.75 -8.38
C VAL C 214 29.57 13.04 -8.74
N ASP C 215 30.41 13.74 -9.52
CA ASP C 215 31.66 13.19 -10.05
C ASP C 215 31.41 11.86 -10.80
N LYS C 216 30.48 11.94 -11.75
CA LYS C 216 29.89 10.79 -12.48
C LYS C 216 29.55 9.55 -11.62
N VAL C 217 29.04 9.80 -10.42
CA VAL C 217 28.42 8.77 -9.59
C VAL C 217 26.93 9.08 -9.53
N ASN C 218 26.11 8.11 -9.95
CA ASN C 218 24.67 8.35 -10.09
C ASN C 218 23.90 8.18 -8.80
N PHE C 219 22.88 9.02 -8.65
CA PHE C 219 22.00 8.92 -7.52
C PHE C 219 20.55 8.78 -7.92
N HIS C 220 19.81 8.09 -7.06
CA HIS C 220 18.38 7.89 -7.22
C HIS C 220 17.70 8.30 -5.91
N MET C 221 17.31 9.56 -5.85
CA MET C 221 16.62 10.09 -4.69
C MET C 221 15.17 9.65 -4.74
N PHE C 222 14.70 9.09 -3.62
CA PHE C 222 13.32 8.68 -3.51
C PHE C 222 12.60 9.50 -2.44
N ASP C 223 11.59 10.27 -2.86
CA ASP C 223 10.82 11.06 -1.89
C ASP C 223 9.46 10.40 -1.58
N VAL C 224 9.13 10.40 -0.29
CA VAL C 224 7.90 9.77 0.22
C VAL C 224 6.97 10.76 0.88
N GLY C 225 5.70 10.39 0.99
CA GLY C 225 4.75 11.12 1.81
C GLY C 225 5.11 10.93 3.27
N GLY C 226 5.38 12.03 3.96
CA GLY C 226 5.88 11.97 5.33
C GLY C 226 4.81 11.94 6.41
N GLN C 227 3.59 11.58 6.04
CA GLN C 227 2.47 11.58 6.98
C GLN C 227 1.91 10.17 7.17
N ARG C 228 1.12 9.97 8.23
CA ARG C 228 0.69 8.65 8.62
C ARG C 228 0.17 7.77 7.48
N ASP C 229 -0.76 8.28 6.67
CA ASP C 229 -1.43 7.47 5.65
C ASP C 229 -0.54 7.30 4.44
N GLU C 230 0.56 8.05 4.44
CA GLU C 230 1.47 8.09 3.33
C GLU C 230 2.63 7.10 3.49
N ARG C 231 2.75 6.51 4.69
CA ARG C 231 3.86 5.61 5.03
C ARG C 231 3.59 4.15 4.69
N ARG C 232 2.35 3.86 4.31
CA ARG C 232 1.97 2.52 3.89
C ARG C 232 2.73 2.07 2.66
N LYS C 233 3.23 3.04 1.92
CA LYS C 233 3.82 2.79 0.61
C LYS C 233 5.34 3.00 0.58
N TRP C 234 5.93 3.18 1.76
CA TRP C 234 7.38 3.27 1.92
C TRP C 234 7.99 1.95 1.48
N ILE C 235 7.35 0.87 1.90
CA ILE C 235 7.85 -0.48 1.69
C ILE C 235 8.46 -0.65 0.33
N GLN C 236 7.74 -0.19 -0.68
CA GLN C 236 8.11 -0.30 -2.08
C GLN C 236 9.49 0.21 -2.41
N CYS C 237 10.09 0.94 -1.48
CA CYS C 237 11.44 1.42 -1.69
C CYS C 237 12.44 0.66 -0.84
N PHE C 238 11.96 -0.29 -0.06
CA PHE C 238 12.82 -0.91 0.95
C PHE C 238 13.78 -1.89 0.33
N ASN C 239 13.36 -2.53 -0.75
CA ASN C 239 14.26 -3.45 -1.41
C ASN C 239 15.11 -2.72 -2.44
N ASP C 240 16.38 -3.12 -2.52
CA ASP C 240 17.35 -2.50 -3.43
C ASP C 240 17.58 -1.05 -3.03
N VAL C 241 17.80 -0.84 -1.74
CA VAL C 241 18.19 0.47 -1.25
C VAL C 241 19.63 0.38 -0.77
N THR C 242 20.40 1.39 -1.12
CA THR C 242 21.78 1.42 -0.67
C THR C 242 21.84 1.94 0.77
N ALA C 243 21.40 3.17 0.99
CA ALA C 243 21.32 3.72 2.36
C ALA C 243 20.20 4.75 2.51
N ILE C 244 19.92 5.14 3.75
CA ILE C 244 18.74 5.96 4.04
C ILE C 244 19.07 7.37 4.51
N ILE C 245 18.25 8.31 4.07
CA ILE C 245 18.25 9.64 4.65
C ILE C 245 16.97 9.82 5.41
N PHE C 246 17.13 9.93 6.71
CA PHE C 246 16.03 10.20 7.58
C PHE C 246 16.24 11.63 7.95
N VAL C 247 15.19 12.41 7.70
CA VAL C 247 15.16 13.86 7.86
C VAL C 247 14.25 14.12 9.04
N VAL C 248 14.69 14.96 9.97
CA VAL C 248 13.89 15.27 11.14
C VAL C 248 13.85 16.78 11.35
N ALA C 249 12.67 17.32 11.68
CA ALA C 249 12.54 18.73 11.98
C ALA C 249 12.93 19.09 13.43
N SER C 250 14.25 19.10 13.69
CA SER C 250 14.83 19.43 15.02
C SER C 250 14.04 20.45 15.83
N SER C 251 13.54 21.47 15.13
CA SER C 251 12.99 22.66 15.79
C SER C 251 11.57 22.48 16.36
N SER C 252 10.91 21.41 15.94
CA SER C 252 9.50 21.22 16.24
C SER C 252 9.24 20.52 17.59
N TYR C 253 10.04 20.92 18.58
CA TYR C 253 9.99 20.31 19.90
C TYR C 253 8.87 20.82 20.80
N ASN C 254 8.22 21.91 20.41
CA ASN C 254 7.12 22.49 21.19
C ASN C 254 5.78 22.21 20.57
N MET C 255 5.80 21.64 19.37
CA MET C 255 4.61 21.43 18.57
C MET C 255 4.09 19.98 18.49
N VAL C 256 2.80 19.87 18.20
CA VAL C 256 2.15 18.61 17.90
C VAL C 256 2.00 18.44 16.37
N ILE C 257 1.73 17.23 15.89
CA ILE C 257 1.62 17.01 14.44
C ILE C 257 0.19 17.23 14.05
N ARG C 258 -0.07 17.22 12.75
CA ARG C 258 -1.40 17.51 12.19
C ARG C 258 -2.31 16.32 12.31
N GLU C 259 -1.76 15.17 11.92
CA GLU C 259 -2.53 13.93 11.76
C GLU C 259 -3.60 13.69 12.80
N ASP C 260 -3.27 13.97 14.06
CA ASP C 260 -4.24 13.92 15.14
C ASP C 260 -4.33 15.24 15.87
N ASN C 261 -3.26 16.01 15.81
CA ASN C 261 -3.09 17.21 16.66
C ASN C 261 -3.06 16.85 18.15
N GLN C 262 -2.24 15.88 18.48
CA GLN C 262 -2.10 15.43 19.84
C GLN C 262 -0.62 15.05 20.07
N THR C 263 -0.13 14.17 19.21
CA THR C 263 1.24 13.68 19.29
C THR C 263 2.27 14.76 19.02
N ASN C 264 3.24 14.90 19.94
CA ASN C 264 4.38 15.82 19.83
C ASN C 264 5.24 15.48 18.63
N ARG C 265 5.43 16.44 17.72
CA ARG C 265 6.13 16.19 16.44
C ARG C 265 7.49 15.47 16.52
N LEU C 266 8.40 15.96 17.38
CA LEU C 266 9.67 15.28 17.64
C LEU C 266 9.43 13.83 18.10
N GLN C 267 8.72 13.69 19.23
CA GLN C 267 8.31 12.39 19.76
C GLN C 267 7.74 11.47 18.66
N GLU C 268 6.91 12.03 17.77
CA GLU C 268 6.45 11.26 16.67
C GLU C 268 7.67 10.79 15.93
N ALA C 269 8.48 11.73 15.47
CA ALA C 269 9.57 11.37 14.57
C ALA C 269 10.61 10.51 15.28
N LEU C 270 10.75 10.71 16.60
CA LEU C 270 11.61 9.84 17.40
C LEU C 270 11.17 8.40 17.23
N ASN C 271 9.92 8.10 17.56
CA ASN C 271 9.44 6.74 17.37
C ASN C 271 8.87 6.43 16.00
N LEU C 272 9.28 7.20 14.99
CA LEU C 272 9.18 6.72 13.64
C LEU C 272 10.56 6.13 13.35
N PHE C 273 11.58 6.87 13.74
CA PHE C 273 12.96 6.49 13.55
C PHE C 273 13.10 5.07 14.01
N LYS C 274 12.76 4.88 15.29
CA LYS C 274 12.80 3.59 15.94
C LYS C 274 12.21 2.53 15.04
N SER C 275 10.99 2.73 14.59
CA SER C 275 10.30 1.77 13.73
C SER C 275 10.97 1.44 12.40
N ILE C 276 11.96 2.23 12.03
CA ILE C 276 12.72 2.02 10.80
C ILE C 276 14.09 1.41 11.14
N TRP C 277 14.75 2.01 12.13
CA TRP C 277 16.08 1.61 12.55
C TRP C 277 16.02 0.21 13.10
N ASN C 278 14.83 -0.16 13.58
CA ASN C 278 14.52 -1.49 14.07
C ASN C 278 13.61 -2.24 13.09
N ASN C 279 13.61 -1.83 11.83
CA ASN C 279 12.79 -2.51 10.83
C ASN C 279 13.37 -3.84 10.38
N ARG C 280 12.47 -4.77 10.13
CA ARG C 280 12.76 -6.13 9.66
C ARG C 280 13.44 -6.21 8.27
N TRP C 281 13.08 -5.31 7.37
CA TRP C 281 13.64 -5.38 6.05
C TRP C 281 14.78 -4.39 5.91
N LEU C 282 15.24 -3.88 7.05
CA LEU C 282 16.24 -2.81 7.02
C LEU C 282 17.26 -2.89 8.18
N ARG C 283 17.63 -4.10 8.57
CA ARG C 283 18.71 -4.35 9.55
C ARG C 283 20.09 -4.30 8.90
N THR C 284 20.11 -4.42 7.57
CA THR C 284 21.33 -4.17 6.78
C THR C 284 21.55 -2.68 6.75
N ILE C 285 20.58 -1.99 6.15
CA ILE C 285 20.71 -0.63 5.68
C ILE C 285 21.01 0.35 6.79
N SER C 286 22.14 1.04 6.65
CA SER C 286 22.57 2.04 7.61
C SER C 286 21.91 3.36 7.27
N VAL C 287 21.59 4.14 8.30
CA VAL C 287 20.72 5.31 8.16
C VAL C 287 21.39 6.67 8.48
N ILE C 288 21.43 7.55 7.49
CA ILE C 288 21.98 8.90 7.66
C ILE C 288 20.91 9.83 8.16
N LEU C 289 21.08 10.25 9.40
CA LEU C 289 20.15 11.11 10.06
C LEU C 289 20.52 12.56 9.80
N PHE C 290 19.58 13.31 9.22
CA PHE C 290 19.69 14.75 9.11
C PHE C 290 18.91 15.40 10.24
N LEU C 291 19.60 15.98 11.20
CA LEU C 291 18.88 16.74 12.21
C LEU C 291 18.53 18.12 11.67
N ASN C 292 17.44 18.17 10.89
CA ASN C 292 17.08 19.34 10.08
C ASN C 292 16.52 20.51 10.86
N LYS C 293 16.56 21.69 10.24
CA LYS C 293 15.90 22.91 10.72
C LYS C 293 16.64 23.60 11.87
N GLN C 294 17.97 23.59 11.75
CA GLN C 294 18.89 23.94 12.82
C GLN C 294 18.87 25.43 13.16
N ASP C 295 18.48 26.23 12.18
CA ASP C 295 18.37 27.69 12.28
C ASP C 295 17.27 28.01 13.24
N LEU C 296 16.09 27.52 12.90
CA LEU C 296 14.89 27.66 13.70
C LEU C 296 15.10 27.18 15.13
N LEU C 297 15.67 25.97 15.26
CA LEU C 297 15.97 25.40 16.55
C LEU C 297 16.71 26.40 17.41
N ALA C 298 17.94 26.69 16.96
CA ALA C 298 18.80 27.66 17.62
C ALA C 298 18.00 28.85 18.07
N GLU C 299 17.28 29.41 17.11
CA GLU C 299 16.45 30.57 17.33
C GLU C 299 15.62 30.46 18.63
N LYS C 300 14.87 29.36 18.75
CA LYS C 300 13.95 29.17 19.86
C LYS C 300 14.70 29.11 21.17
N VAL C 301 15.79 28.35 21.16
CA VAL C 301 16.68 28.20 22.29
C VAL C 301 17.16 29.55 22.78
N LEU C 302 17.66 30.33 21.83
CA LEU C 302 18.18 31.64 22.13
C LEU C 302 17.00 32.44 22.58
N ALA C 303 15.99 32.54 21.73
CA ALA C 303 14.76 33.25 22.05
C ALA C 303 14.36 32.94 23.50
N GLY C 304 14.70 31.74 23.95
CA GLY C 304 14.49 31.34 25.34
C GLY C 304 13.03 31.23 25.79
N LYS C 305 12.11 31.52 24.88
CA LYS C 305 10.72 31.74 25.26
C LYS C 305 10.10 30.51 25.90
N SER C 306 10.00 29.41 25.16
CA SER C 306 9.58 28.12 25.73
C SER C 306 10.77 27.20 25.99
N LYS C 307 10.78 26.64 27.20
CA LYS C 307 11.87 25.80 27.69
C LYS C 307 11.82 24.41 27.03
N ILE C 308 12.97 23.78 26.82
CA ILE C 308 12.99 22.45 26.19
C ILE C 308 12.59 21.31 27.12
N GLU C 309 13.26 21.18 28.27
CA GLU C 309 12.93 20.15 29.27
C GLU C 309 11.42 20.03 29.52
N ASP C 310 10.71 21.14 29.51
CA ASP C 310 9.25 21.10 29.57
C ASP C 310 8.61 20.16 28.51
N TYR C 311 9.06 20.26 27.27
CA TYR C 311 8.54 19.37 26.21
C TYR C 311 9.20 17.99 26.20
N PHE C 312 10.43 17.90 26.71
CA PHE C 312 11.17 16.63 26.83
C PHE C 312 11.96 16.51 28.13
N PRO C 313 11.26 16.26 29.25
CA PRO C 313 11.71 16.44 30.67
C PRO C 313 13.17 16.08 31.03
N GLU C 314 13.79 15.24 30.20
CA GLU C 314 15.14 14.74 30.42
C GLU C 314 16.24 15.78 30.23
N PHE C 315 16.06 16.69 29.25
CA PHE C 315 17.01 17.78 29.01
C PHE C 315 17.51 18.43 30.31
N ALA C 316 16.71 18.35 31.38
CA ALA C 316 16.99 19.00 32.65
C ALA C 316 18.13 18.33 33.41
N ARG C 317 18.29 17.03 33.19
CA ARG C 317 19.32 16.24 33.84
C ARG C 317 20.57 16.21 32.97
N TYR C 318 20.41 16.73 31.76
CA TYR C 318 21.42 16.65 30.73
C TYR C 318 22.62 17.56 30.98
N THR C 319 23.78 17.11 30.51
CA THR C 319 24.94 17.98 30.30
C THR C 319 25.57 17.69 28.93
N THR C 320 26.62 18.46 28.62
CA THR C 320 27.07 18.66 27.24
C THR C 320 28.24 17.75 26.79
N PRO C 321 28.07 17.03 25.64
CA PRO C 321 28.92 15.93 25.15
C PRO C 321 30.38 16.26 24.88
N GLU C 322 31.29 15.35 25.25
CA GLU C 322 32.74 15.61 25.14
C GLU C 322 33.25 15.82 23.72
N ASP C 323 32.86 14.92 22.81
CA ASP C 323 33.17 15.05 21.38
C ASP C 323 32.54 16.33 20.77
N ALA C 324 31.92 17.14 21.63
CA ALA C 324 31.33 18.42 21.26
C ALA C 324 32.15 19.13 20.18
N THR C 325 31.55 19.30 19.01
CA THR C 325 32.17 20.11 17.94
C THR C 325 31.34 21.37 17.61
N PRO C 326 31.29 22.34 18.58
CA PRO C 326 30.44 23.54 18.53
C PRO C 326 30.81 24.51 17.42
N GLU C 327 29.86 24.76 16.53
CA GLU C 327 30.00 25.74 15.46
C GLU C 327 30.63 27.04 15.95
N PRO C 328 31.40 27.71 15.07
CA PRO C 328 32.28 28.79 15.56
C PRO C 328 31.50 30.08 15.89
N GLY C 329 31.48 30.45 17.16
CA GLY C 329 30.70 31.59 17.61
C GLY C 329 29.31 31.21 18.09
N GLU C 330 28.96 29.94 17.87
CA GLU C 330 27.67 29.36 18.29
C GLU C 330 27.45 29.34 19.82
N ASP C 331 26.21 29.55 20.24
CA ASP C 331 25.91 29.73 21.63
C ASP C 331 25.96 28.40 22.38
N PRO C 332 26.61 28.38 23.55
CA PRO C 332 26.80 27.18 24.38
C PRO C 332 25.49 26.53 24.80
N ARG C 333 24.44 27.33 24.88
CA ARG C 333 23.15 26.80 25.24
C ARG C 333 22.49 26.24 23.99
N VAL C 334 22.65 26.92 22.86
CA VAL C 334 22.17 26.34 21.60
C VAL C 334 22.88 25.04 21.38
N THR C 335 24.20 25.04 21.60
CA THR C 335 25.01 23.85 21.34
C THR C 335 24.48 22.69 22.17
N ARG C 336 24.04 23.01 23.37
CA ARG C 336 23.54 21.99 24.25
C ARG C 336 22.40 21.23 23.57
N ALA C 337 21.39 21.95 23.11
CA ALA C 337 20.16 21.34 22.65
C ALA C 337 20.30 20.60 21.31
N LYS C 338 21.02 21.22 20.38
CA LYS C 338 21.14 20.65 19.05
C LYS C 338 21.77 19.25 19.11
N TYR C 339 22.71 19.08 20.04
CA TYR C 339 23.35 17.79 20.31
C TYR C 339 22.46 16.91 21.18
N PHE C 340 21.89 17.48 22.23
CA PHE C 340 21.04 16.73 23.13
C PHE C 340 20.00 16.02 22.31
N ILE C 341 19.37 16.77 21.44
CA ILE C 341 18.41 16.17 20.54
C ILE C 341 19.03 15.05 19.71
N ARG C 342 20.26 15.24 19.25
CA ARG C 342 20.96 14.18 18.53
C ARG C 342 21.02 12.91 19.36
N ASP C 343 21.22 13.08 20.66
CA ASP C 343 21.45 11.97 21.59
C ASP C 343 20.17 11.21 21.99
N GLU C 344 19.01 11.84 21.79
CA GLU C 344 17.75 11.13 21.92
C GLU C 344 17.64 10.12 20.78
N PHE C 345 18.23 10.45 19.63
CA PHE C 345 18.26 9.52 18.49
C PHE C 345 19.40 8.53 18.61
N LEU C 346 20.44 8.93 19.34
CA LEU C 346 21.56 8.03 19.57
C LEU C 346 21.26 6.95 20.61
N ARG C 347 20.28 7.20 21.47
CA ARG C 347 19.84 6.20 22.41
C ARG C 347 19.06 5.10 21.67
N ILE C 348 18.57 5.41 20.48
CA ILE C 348 17.91 4.39 19.66
C ILE C 348 18.92 3.66 18.78
N SER C 349 19.70 4.42 18.02
CA SER C 349 20.64 3.83 17.11
C SER C 349 21.62 2.96 17.90
N THR C 350 22.12 3.49 19.01
CA THR C 350 23.01 2.75 19.93
C THR C 350 22.41 1.43 20.47
N ALA C 351 21.17 1.50 20.95
CA ALA C 351 20.56 0.39 21.73
C ALA C 351 20.26 -0.91 20.97
N SER C 352 20.53 -0.96 19.67
CA SER C 352 20.46 -2.20 18.88
C SER C 352 21.14 -2.00 17.54
N GLY C 353 20.88 -2.90 16.60
CA GLY C 353 21.44 -2.82 15.25
C GLY C 353 22.64 -3.73 15.03
N ASP C 354 23.39 -3.96 16.13
CA ASP C 354 24.43 -5.02 16.21
C ASP C 354 25.69 -4.77 15.40
N GLY C 355 26.21 -3.54 15.45
CA GLY C 355 27.34 -3.18 14.61
C GLY C 355 27.18 -3.78 13.22
N ARG C 356 25.92 -3.88 12.78
CA ARG C 356 25.52 -4.52 11.54
C ARG C 356 24.93 -3.45 10.58
N HIS C 357 24.63 -2.28 11.16
CA HIS C 357 24.43 -1.00 10.44
C HIS C 357 24.65 0.11 11.48
N TYR C 358 24.87 1.36 11.03
CA TYR C 358 25.19 2.48 11.94
C TYR C 358 24.43 3.78 11.62
N CYS C 359 24.59 4.76 12.51
CA CYS C 359 23.84 6.00 12.42
C CYS C 359 24.77 7.15 12.10
N TYR C 360 24.42 7.93 11.09
CA TYR C 360 25.19 9.14 10.76
C TYR C 360 24.40 10.43 11.03
N PRO C 361 24.72 11.08 12.15
CA PRO C 361 24.06 12.29 12.60
C PRO C 361 24.73 13.57 12.08
N HIS C 362 23.94 14.42 11.45
CA HIS C 362 24.46 15.67 10.88
C HIS C 362 23.47 16.77 11.17
N PHE C 363 23.89 17.82 11.86
CA PHE C 363 23.02 18.95 12.05
C PHE C 363 22.78 19.56 10.69
N THR C 364 21.52 19.88 10.35
CA THR C 364 21.22 20.48 9.02
C THR C 364 20.14 21.57 8.99
N CYS C 365 20.36 22.61 8.17
CA CYS C 365 19.28 23.46 7.68
C CYS C 365 19.07 23.20 6.19
N ALA C 366 17.86 22.79 5.81
CA ALA C 366 17.58 22.45 4.41
C ALA C 366 17.74 23.64 3.48
N VAL C 367 17.13 24.76 3.85
CA VAL C 367 17.11 25.99 3.04
C VAL C 367 18.43 26.74 3.16
N ASP C 368 19.55 26.04 2.95
CA ASP C 368 20.86 26.62 3.17
C ASP C 368 21.90 25.97 2.28
N THR C 369 21.79 26.18 0.98
CA THR C 369 22.54 25.38 0.05
C THR C 369 24.01 25.28 0.49
N GLU C 370 24.44 26.27 1.26
CA GLU C 370 25.82 26.38 1.75
C GLU C 370 26.15 25.35 2.81
N ASN C 371 25.14 25.00 3.59
CA ASN C 371 25.23 23.94 4.57
C ASN C 371 24.94 22.63 3.91
N ILE C 372 24.01 22.65 2.96
CA ILE C 372 23.57 21.43 2.30
C ILE C 372 24.67 20.80 1.45
N ARG C 373 25.28 21.57 0.55
CA ARG C 373 26.40 21.01 -0.21
C ARG C 373 27.44 20.33 0.73
N ARG C 374 27.95 21.08 1.71
CA ARG C 374 28.84 20.60 2.79
C ARG C 374 28.46 19.21 3.37
N VAL C 375 27.20 19.05 3.77
CA VAL C 375 26.75 17.79 4.34
C VAL C 375 26.44 16.77 3.27
N PHE C 376 26.16 17.19 2.05
CA PHE C 376 26.06 16.17 1.04
C PHE C 376 27.42 15.65 0.64
N ASN C 377 28.42 16.53 0.59
CA ASN C 377 29.80 16.09 0.43
C ASN C 377 30.14 15.14 1.58
N ASP C 378 29.97 15.64 2.80
CA ASP C 378 30.06 14.87 4.05
C ASP C 378 29.41 13.49 3.92
N CYS C 379 28.56 13.32 2.89
CA CYS C 379 27.79 12.07 2.69
C CYS C 379 28.26 11.19 1.53
N ARG C 380 28.38 11.75 0.32
CA ARG C 380 28.85 10.98 -0.85
C ARG C 380 30.08 10.12 -0.48
N ASP C 381 30.93 10.76 0.31
CA ASP C 381 31.93 10.17 1.16
C ASP C 381 31.55 8.78 1.70
N ILE C 382 30.62 8.73 2.65
CA ILE C 382 30.34 7.49 3.38
C ILE C 382 29.67 6.40 2.56
N ILE C 383 29.08 6.76 1.43
CA ILE C 383 28.58 5.79 0.43
C ILE C 383 29.66 4.79 -0.04
N GLN C 384 30.92 5.21 -0.04
CA GLN C 384 32.08 4.37 -0.40
C GLN C 384 32.16 3.05 0.37
N ARG C 385 32.37 3.15 1.68
CA ARG C 385 32.36 2.03 2.61
C ARG C 385 31.33 0.95 2.26
C1 FKP D . -5.17 -12.85 -10.57
O2 FKP D . -4.08 -13.41 -9.84
C2 FKP D . -5.86 -13.97 -11.32
C3 FKP D . -6.50 -14.96 -10.34
C4 FKP D . -7.38 -14.32 -9.27
C5 FKP D . -6.74 -13.08 -8.62
C6 FKP D . -7.59 -12.40 -7.52
O3 FKP D . -8.80 -11.84 -8.03
C7 FKP D . -6.81 -11.33 -6.76
O4 FKP D . -7.66 -10.56 -5.91
C8 FKP D . -6.04 -10.37 -7.69
O1 FKP D . -5.12 -9.68 -6.88
C9 FKP D . -5.25 -11.15 -8.75
O6 FKP D . -4.33 -11.96 -8.00
C10 FKP D . -6.09 -12.10 -9.60
C11 FKP D . -4.40 -10.17 -9.53
O7 FKP D . -4.40 -10.12 -10.76
C12 FKP D . -3.50 -9.25 -8.74
C13 FKP D . -4.07 -8.84 -7.39
C14 FKP D . -2.98 -8.91 -6.36
C15 FKP D . -3.14 -9.78 -5.40
C16 FKP D . -4.54 -7.39 -7.45
C17 FKP D . -6.98 -9.31 -8.26
C18 FKP D . -7.55 -15.35 -8.17
C19 FKP D . -8.74 -14.06 -9.92
C20 FKP D . -7.10 -11.34 -10.48
C21 FKP D . -7.98 -11.25 -4.68
O5 FKP D . -7.08 -11.80 -4.07
C22 FKP D . -9.40 -11.25 -4.15
C23 FKP D . -10.47 -11.28 -5.26
C24 FKP D . -10.87 -12.71 -5.62
C25 FKP D . -12.18 -12.79 -6.40
N1 FKP D . -12.23 -14.04 -7.20
C26 FKP D . -13.03 -13.82 -8.44
C27 FKP D . -13.02 -15.10 -9.29
N2 FKP D . -13.54 -16.25 -8.52
C28 FKP D . -12.78 -16.45 -7.27
C29 FKP D . -12.79 -15.17 -6.43
C30 FKP D . -13.48 -17.46 -9.35
CA CA E . -17.48 -18.56 -9.89
N1 TAT F . -10.46 -23.54 -4.55
C2 TAT F . -10.66 -22.27 -4.86
N3 TAT F . -11.88 -21.73 -4.90
C4 TAT F . -12.96 -22.48 -4.63
C5 TAT F . -12.81 -23.82 -4.31
C6 TAT F . -11.51 -24.35 -4.27
N6 TAT F . -11.26 -25.63 -3.97
N7 TAT F . -14.02 -24.31 -4.09
C8 TAT F . -14.91 -23.33 -4.28
N9 TAT F . -14.27 -22.20 -4.60
PA TAT F . -20.39 -19.75 -5.18
PB TAT F . -20.63 -20.51 -8.11
PG TAT F . -22.49 -19.91 -10.29
C1' TAT F . -14.90 -20.87 -4.90
O1A TAT F . -22.50 -18.29 -10.31
O1B TAT F . -20.05 -21.81 -8.56
S1G TAT F . -20.51 -17.80 -5.65
C2' TAT F . -15.72 -20.79 -6.19
O2' TAT F . -14.92 -20.81 -7.38
O2A TAT F . -21.10 -20.06 -3.91
O2B TAT F . -19.90 -19.26 -8.37
O2G TAT F . -23.76 -20.48 -10.83
C3' TAT F . -16.38 -19.41 -5.99
O3' TAT F . -15.53 -18.35 -6.48
O3A TAT F . -20.92 -20.68 -6.47
O3B TAT F . -22.15 -20.39 -8.75
O3G TAT F . -21.23 -20.36 -11.24
C4' TAT F . -16.54 -19.30 -4.46
O4' TAT F . -15.89 -20.49 -3.90
C5' TAT F . -18.01 -19.31 -4.03
O5' TAT F . -18.82 -20.08 -4.94
MG MG G . 7.80 17.08 0.75
PG GSP H . 6.81 15.83 4.03
O3B GSP H . 7.13 17.36 4.32
S1G GSP H . 5.16 15.49 4.34
O2G GSP H . 7.17 15.53 2.55
O3G GSP H . 7.72 15.05 5.00
PB GSP H . 8.68 17.64 4.13
O1B GSP H . 9.38 16.91 5.21
O2B GSP H . 9.10 17.24 2.78
PA GSP H . 9.18 20.10 3.09
O1A GSP H . 10.17 19.42 2.23
O2A GSP H . 8.02 20.63 2.34
O3A GSP H . 8.76 19.19 4.33
O5' GSP H . 9.91 21.19 4.04
C5' GSP H . 9.32 21.62 5.25
C4' GSP H . 8.92 23.08 5.05
O4' GSP H . 9.69 23.86 5.93
C3' GSP H . 9.23 23.57 3.64
O3' GSP H . 8.18 24.36 3.12
C2' GSP H . 10.49 24.40 3.75
O2' GSP H . 10.30 25.67 3.19
C1' GSP H . 10.69 24.60 5.25
N9 GSP H . 12.02 24.14 5.70
C8 GSP H . 12.65 22.97 5.40
N7 GSP H . 13.83 22.95 6.05
C5 GSP H . 13.98 24.09 6.76
C6 GSP H . 15.00 24.57 7.59
O6 GSP H . 16.02 23.93 7.82
N1 GSP H . 14.85 25.80 8.20
C2 GSP H . 13.71 26.51 7.96
N2 GSP H . 13.56 27.70 8.52
N3 GSP H . 12.72 26.03 7.14
C4 GSP H . 12.85 24.84 6.55
CL CL I . 9.77 16.09 12.26
#